data_4IE1
#
_entry.id   4IE1
#
_cell.length_a   90.074
_cell.length_b   90.074
_cell.length_c   69.272
_cell.angle_alpha   90.000
_cell.angle_beta   90.000
_cell.angle_gamma   120.000
#
_symmetry.space_group_name_H-M   'P 3'
#
loop_
_entity.id
_entity.type
_entity.pdbx_description
1 polymer Arginase-1
2 non-polymer [(5R)-5-amino-5-carboxy-8-hydroxyoctyl](trihydroxy)borate(1-)
3 non-polymer 'MANGANESE (II) ION'
4 water water
#
_entity_poly.entity_id   1
_entity_poly.type   'polypeptide(L)'
_entity_poly.pdbx_seq_one_letter_code
;SRTIGIIGAPFSKGQPRGGVEEGPTVLRKAGLLEKLKEQECDVKDYGDLPFADIPNDSPFQIVKNPRSVGKASEQLAGKV
AEVKKNGRISLVLGGDHSLAIGSISGHARVHPDLGVIWVDAHTDINTPLTTTSGNLHGQPVSFLLKELKGKIPDVPGFSW
VTPCISAKDIVYIGLRDVDPGEHYILKTLGIKYFSMTEVDRLGIGKVMEETLSYLLGRKKRPIHLSFDVDGLDPSFTPAT
GTPVVGGLTYREGLYITEEIYKTGLLSGLDIMEVNPSLGKTPEEVTRTVNTAVAITLACFGLAREGNHKPIDYL
;
_entity_poly.pdbx_strand_id   A,B
#
loop_
_chem_comp.id
_chem_comp.type
_chem_comp.name
_chem_comp.formula
1EC non-polymer [(5R)-5-amino-5-carboxy-8-hydroxyoctyl](trihydroxy)borate(1-) 'C9 H21 B N O6 -1'
MN non-polymer 'MANGANESE (II) ION' 'Mn 2'
#
# COMPACT_ATOMS: atom_id res chain seq x y z
N SER A 1 11.13 33.53 25.54
CA SER A 1 11.69 32.20 25.11
C SER A 1 10.65 31.11 24.86
N ARG A 2 10.66 30.64 23.62
CA ARG A 2 10.12 29.36 23.19
C ARG A 2 10.38 28.18 24.16
N THR A 3 9.31 27.57 24.70
CA THR A 3 9.40 26.29 25.44
C THR A 3 8.75 25.16 24.63
N ILE A 4 9.31 23.96 24.61
CA ILE A 4 8.83 22.90 23.67
C ILE A 4 8.37 21.61 24.29
N GLY A 5 7.27 21.06 23.77
CA GLY A 5 6.77 19.73 24.15
C GLY A 5 6.74 18.80 22.97
N ILE A 6 7.61 17.79 22.98
CA ILE A 6 7.76 16.83 21.87
C ILE A 6 6.84 15.62 22.06
N ILE A 7 6.06 15.33 21.02
CA ILE A 7 5.05 14.26 21.02
C ILE A 7 5.32 13.32 19.86
N GLY A 8 5.55 12.05 20.16
CA GLY A 8 5.85 11.10 19.10
C GLY A 8 4.54 10.48 18.70
N ALA A 9 4.29 10.37 17.40
CA ALA A 9 3.03 9.79 16.92
C ALA A 9 3.29 8.70 15.87
N PRO A 10 3.73 7.53 16.33
CA PRO A 10 4.15 6.48 15.44
C PRO A 10 2.94 5.75 14.90
N PHE A 11 2.35 6.31 13.85
CA PHE A 11 1.07 5.83 13.34
C PHE A 11 1.05 5.89 11.81
N SER A 12 0.55 4.84 11.19
CA SER A 12 0.59 4.71 9.72
C SER A 12 -0.74 4.41 9.03
N LYS A 13 -1.82 4.21 9.80
CA LYS A 13 -3.04 3.66 9.17
C LYS A 13 -3.92 4.67 8.38
N GLY A 14 -3.48 5.92 8.31
CA GLY A 14 -4.10 6.90 7.41
C GLY A 14 -3.70 6.70 5.95
N GLN A 15 -2.90 5.68 5.70
CA GLN A 15 -2.40 5.38 4.34
C GLN A 15 -1.72 4.01 4.27
N PRO A 16 -1.43 3.47 3.06
CA PRO A 16 -1.06 2.03 2.91
C PRO A 16 0.33 1.57 3.39
N ARG A 17 1.35 2.39 3.15
CA ARG A 17 2.75 2.01 3.43
C ARG A 17 3.11 2.11 4.93
N GLY A 18 3.72 1.09 5.50
CA GLY A 18 3.80 1.05 6.98
C GLY A 18 4.92 1.88 7.64
N GLY A 19 5.98 2.06 6.89
CA GLY A 19 7.22 2.58 7.41
C GLY A 19 7.19 3.94 8.07
N VAL A 20 6.14 4.72 7.85
CA VAL A 20 6.04 6.11 8.37
C VAL A 20 5.89 6.16 9.89
N GLU A 21 5.62 4.99 10.47
CA GLU A 21 5.37 4.90 11.91
C GLU A 21 6.71 4.99 12.66
N GLU A 22 7.79 4.85 11.91
CA GLU A 22 9.16 4.87 12.41
C GLU A 22 9.69 6.30 12.42
N GLY A 23 8.99 7.22 11.76
CA GLY A 23 9.44 8.61 11.63
C GLY A 23 9.93 9.20 12.94
N PRO A 24 9.13 9.10 14.01
CA PRO A 24 9.59 9.58 15.29
C PRO A 24 10.94 8.98 15.73
N THR A 25 11.12 7.67 15.57
CA THR A 25 12.41 7.04 15.96
C THR A 25 13.60 7.61 15.20
N VAL A 26 13.46 7.68 13.88
CA VAL A 26 14.58 8.10 13.08
C VAL A 26 14.86 9.59 13.27
N LEU A 27 13.82 10.40 13.41
CA LEU A 27 14.06 11.81 13.73
C LEU A 27 14.79 11.98 15.10
N ARG A 28 14.34 11.27 16.10
CA ARG A 28 14.95 11.28 17.39
C ARG A 28 16.40 10.83 17.32
N LYS A 29 16.67 9.71 16.68
CA LYS A 29 18.04 9.23 16.59
C LYS A 29 18.95 10.16 15.79
N ALA A 30 18.35 11.02 14.96
CA ALA A 30 19.13 12.00 14.20
C ALA A 30 19.61 13.12 15.12
N GLY A 31 19.25 13.04 16.38
CA GLY A 31 19.65 14.03 17.38
C GLY A 31 18.75 15.26 17.60
N LEU A 32 17.53 15.23 17.03
CA LEU A 32 16.53 16.32 17.18
C LEU A 32 16.48 17.03 18.52
N LEU A 33 16.24 16.26 19.58
CA LEU A 33 16.06 16.85 20.91
C LEU A 33 17.35 17.51 21.37
N GLU A 34 18.47 16.89 21.05
CA GLU A 34 19.77 17.40 21.44
C GLU A 34 20.09 18.72 20.76
N LYS A 35 19.78 18.80 19.46
CA LYS A 35 20.12 19.98 18.66
C LYS A 35 19.23 21.14 19.08
N LEU A 36 18.00 20.81 19.44
CA LEU A 36 17.12 21.80 19.99
C LEU A 36 17.70 22.37 21.27
N LYS A 37 18.19 21.48 22.13
CA LYS A 37 18.76 21.95 23.38
C LYS A 37 20.04 22.75 23.09
N GLU A 38 20.73 22.40 22.02
CA GLU A 38 21.92 23.10 21.56
C GLU A 38 21.63 24.57 21.27
N GLN A 39 20.43 24.86 20.85
CA GLN A 39 19.97 26.23 20.64
C GLN A 39 19.20 26.80 21.83
N GLU A 40 18.40 27.82 21.60
CA GLU A 40 17.76 28.49 22.72
C GLU A 40 16.96 27.57 23.70
N CYS A 41 16.68 26.33 23.29
CA CYS A 41 15.41 25.64 23.64
C CYS A 41 15.30 24.72 24.89
N ASP A 42 14.26 24.96 25.68
CA ASP A 42 13.84 24.10 26.81
C ASP A 42 12.89 23.02 26.29
N VAL A 43 13.35 21.75 26.31
CA VAL A 43 12.61 20.68 25.65
C VAL A 43 12.02 19.67 26.64
N LYS A 44 10.77 19.30 26.44
CA LYS A 44 10.20 18.26 27.28
C LYS A 44 9.66 17.22 26.34
N ASP A 45 10.13 15.99 26.50
CA ASP A 45 9.66 14.89 25.67
C ASP A 45 8.44 14.24 26.32
N TYR A 46 7.29 14.25 25.66
CA TYR A 46 6.12 13.57 26.22
C TYR A 46 6.06 12.10 25.77
N GLY A 47 7.05 11.68 24.98
CA GLY A 47 7.19 10.27 24.62
C GLY A 47 6.45 10.01 23.33
N ASP A 48 6.47 8.77 22.90
CA ASP A 48 5.77 8.33 21.74
C ASP A 48 4.40 7.86 22.21
N LEU A 49 3.34 8.28 21.54
CA LEU A 49 2.01 7.83 21.99
C LEU A 49 1.87 6.31 21.76
N PRO A 50 1.21 5.58 22.70
CA PRO A 50 0.98 4.16 22.43
C PRO A 50 -0.42 3.96 21.86
N PHE A 51 -0.48 3.57 20.59
CA PHE A 51 -1.76 3.38 19.90
C PHE A 51 -2.10 1.88 19.90
N ALA A 52 -3.05 1.48 20.75
CA ALA A 52 -3.56 0.09 20.72
C ALA A 52 -3.96 -0.27 19.30
N ASP A 53 -3.75 -1.53 18.94
CA ASP A 53 -4.21 -2.06 17.66
C ASP A 53 -5.74 -2.08 17.71
N ILE A 54 -6.40 -1.70 16.61
CA ILE A 54 -7.84 -1.93 16.48
C ILE A 54 -7.97 -2.87 15.31
N PRO A 55 -8.06 -4.18 15.59
CA PRO A 55 -7.96 -5.21 14.56
C PRO A 55 -9.26 -5.39 13.80
N ASN A 56 -10.38 -5.00 14.40
CA ASN A 56 -11.65 -5.02 13.64
C ASN A 56 -11.94 -3.61 13.15
N ASP A 57 -11.62 -3.36 11.89
CA ASP A 57 -11.67 -2.02 11.39
C ASP A 57 -11.93 -2.09 9.91
N SER A 58 -13.13 -2.56 9.52
CA SER A 58 -13.41 -2.68 8.09
C SER A 58 -13.77 -1.34 7.45
N PRO A 59 -13.56 -1.24 6.13
CA PRO A 59 -13.73 0.06 5.53
C PRO A 59 -15.13 0.60 5.86
N PHE A 60 -15.24 1.90 5.97
CA PHE A 60 -16.49 2.60 5.91
C PHE A 60 -16.66 3.09 4.49
N GLN A 61 -17.57 2.43 3.79
CA GLN A 61 -17.69 2.65 2.36
C GLN A 61 -16.24 2.46 1.92
N ILE A 62 -15.64 3.45 1.25
CA ILE A 62 -14.29 3.16 0.73
C ILE A 62 -13.16 3.68 1.65
N VAL A 63 -13.51 4.44 2.69
CA VAL A 63 -12.57 4.98 3.69
C VAL A 63 -11.90 3.88 4.52
N LYS A 64 -10.58 3.86 4.51
CA LYS A 64 -9.82 2.73 5.10
C LYS A 64 -9.37 3.00 6.55
N ASN A 65 -9.44 1.97 7.38
CA ASN A 65 -8.96 2.02 8.77
C ASN A 65 -9.51 3.18 9.61
N PRO A 66 -10.81 3.48 9.44
CA PRO A 66 -11.42 4.67 10.03
C PRO A 66 -11.35 4.80 11.58
N ARG A 67 -11.69 3.72 12.29
CA ARG A 67 -11.57 3.67 13.74
C ARG A 67 -10.13 3.84 14.23
N SER A 68 -9.17 3.22 13.54
CA SER A 68 -7.78 3.26 13.95
C SER A 68 -7.26 4.68 13.79
N VAL A 69 -7.65 5.30 12.68
CA VAL A 69 -7.20 6.65 12.33
C VAL A 69 -7.85 7.62 13.32
N GLY A 70 -9.13 7.38 13.58
CA GLY A 70 -9.92 8.33 14.36
C GLY A 70 -9.48 8.31 15.81
N LYS A 71 -9.27 7.11 16.34
CA LYS A 71 -8.81 6.97 17.72
C LYS A 71 -7.39 7.53 17.88
N ALA A 72 -6.54 7.33 16.87
CA ALA A 72 -5.15 7.79 16.97
C ALA A 72 -5.08 9.32 17.06
N SER A 73 -5.98 9.98 16.35
CA SER A 73 -6.14 11.44 16.35
C SER A 73 -6.77 11.93 17.66
N GLU A 74 -7.73 11.18 18.17
CA GLU A 74 -8.38 11.50 19.45
C GLU A 74 -7.33 11.52 20.55
N GLN A 75 -6.54 10.46 20.64
CA GLN A 75 -5.50 10.32 21.64
C GLN A 75 -4.51 11.47 21.45
N LEU A 76 -4.09 11.70 20.21
CA LEU A 76 -3.15 12.81 19.94
C LEU A 76 -3.73 14.16 20.37
N ALA A 77 -4.96 14.43 19.99
CA ALA A 77 -5.60 15.69 20.43
C ALA A 77 -5.49 15.88 21.94
N GLY A 78 -5.70 14.82 22.70
CA GLY A 78 -5.58 14.94 24.16
C GLY A 78 -4.19 15.33 24.60
N LYS A 79 -3.21 14.73 23.97
CA LYS A 79 -1.86 15.03 24.36
C LYS A 79 -1.44 16.41 23.89
N VAL A 80 -1.82 16.88 22.70
CA VAL A 80 -1.53 18.25 22.30
C VAL A 80 -2.10 19.28 23.28
N ALA A 81 -3.38 19.17 23.63
CA ALA A 81 -4.06 20.18 24.44
C ALA A 81 -3.36 20.24 25.80
N GLU A 82 -2.80 19.10 26.20
CA GLU A 82 -2.15 18.95 27.50
C GLU A 82 -0.84 19.70 27.47
N VAL A 83 -0.06 19.44 26.43
CA VAL A 83 1.17 20.19 26.14
C VAL A 83 0.90 21.69 26.07
N LYS A 84 -0.17 22.10 25.34
CA LYS A 84 -0.50 23.51 25.21
C LYS A 84 -0.86 24.08 26.57
N LYS A 85 -1.58 23.30 27.36
CA LYS A 85 -1.96 23.78 28.70
C LYS A 85 -0.72 23.94 29.56
N ASN A 86 0.32 23.15 29.30
CA ASN A 86 1.60 23.29 30.01
C ASN A 86 2.42 24.46 29.50
N GLY A 87 1.80 25.30 28.67
CA GLY A 87 2.50 26.46 28.10
C GLY A 87 3.68 26.12 27.19
N ARG A 88 3.59 25.03 26.43
CA ARG A 88 4.69 24.68 25.55
C ARG A 88 4.26 24.70 24.10
N ILE A 89 5.20 24.99 23.19
CA ILE A 89 4.96 24.74 21.77
C ILE A 89 4.90 23.24 21.52
N SER A 90 3.82 22.75 20.91
CA SER A 90 3.69 21.30 20.65
C SER A 90 4.42 20.95 19.38
N LEU A 91 5.24 19.90 19.45
CA LEU A 91 5.95 19.41 18.32
C LEU A 91 5.60 17.95 18.09
N VAL A 92 4.74 17.73 17.10
CA VAL A 92 4.30 16.38 16.74
C VAL A 92 5.19 15.80 15.62
N LEU A 93 5.84 14.67 15.90
CA LEU A 93 6.57 13.90 14.89
C LEU A 93 5.72 12.75 14.40
N GLY A 94 5.40 12.75 13.11
CA GLY A 94 4.61 11.67 12.56
C GLY A 94 5.49 10.56 12.03
N GLY A 95 4.84 9.53 11.52
CA GLY A 95 3.38 9.50 11.50
C GLY A 95 2.77 10.05 10.22
N ASP A 96 1.69 9.44 9.75
CA ASP A 96 1.06 9.95 8.52
C ASP A 96 0.20 11.19 8.79
N HIS A 97 -0.16 11.91 7.73
CA HIS A 97 -0.81 13.22 7.89
C HIS A 97 -2.22 13.22 8.44
N SER A 98 -2.88 12.05 8.52
CA SER A 98 -4.23 11.97 9.11
C SER A 98 -4.24 12.51 10.57
N LEU A 99 -3.07 12.54 11.18
CA LEU A 99 -2.92 12.89 12.59
C LEU A 99 -3.13 14.37 12.84
N ALA A 100 -3.08 15.16 11.75
CA ALA A 100 -3.33 16.57 11.85
C ALA A 100 -4.73 16.79 12.40
N ILE A 101 -5.63 15.84 12.16
CA ILE A 101 -6.98 16.01 12.72
C ILE A 101 -6.88 16.17 14.24
N GLY A 102 -6.11 15.28 14.88
CA GLY A 102 -5.91 15.39 16.30
C GLY A 102 -5.03 16.54 16.73
N SER A 103 -3.97 16.80 15.97
CA SER A 103 -3.00 17.83 16.37
C SER A 103 -3.70 19.18 16.37
N ILE A 104 -4.40 19.48 15.28
CA ILE A 104 -5.05 20.77 15.15
C ILE A 104 -6.22 20.87 16.13
N SER A 105 -6.89 19.74 16.36
CA SER A 105 -8.04 19.74 17.24
C SER A 105 -7.65 20.04 18.70
N GLY A 106 -6.69 19.29 19.22
CA GLY A 106 -6.18 19.54 20.56
C GLY A 106 -5.59 20.94 20.74
N HIS A 107 -4.89 21.41 19.73
CA HIS A 107 -4.32 22.76 19.78
C HIS A 107 -5.43 23.75 19.93
N ALA A 108 -6.46 23.64 19.09
CA ALA A 108 -7.56 24.59 19.10
C ALA A 108 -8.35 24.62 20.40
N ARG A 109 -8.31 23.54 21.18
CA ARG A 109 -8.96 23.50 22.49
C ARG A 109 -8.40 24.56 23.42
N VAL A 110 -7.08 24.78 23.36
CA VAL A 110 -6.44 25.81 24.19
C VAL A 110 -6.38 27.18 23.47
N HIS A 111 -6.35 27.15 22.13
CA HIS A 111 -6.24 28.39 21.34
C HIS A 111 -7.22 28.39 20.17
N PRO A 112 -8.52 28.67 20.43
CA PRO A 112 -9.50 28.53 19.34
C PRO A 112 -9.29 29.53 18.18
N ASP A 113 -8.46 30.56 18.38
CA ASP A 113 -8.16 31.57 17.35
C ASP A 113 -6.91 31.20 16.53
N LEU A 114 -6.44 29.95 16.59
CA LEU A 114 -5.28 29.54 15.77
C LEU A 114 -5.49 29.73 14.24
N GLY A 115 -4.42 30.07 13.52
CA GLY A 115 -4.44 30.09 12.09
C GLY A 115 -3.50 28.98 11.61
N VAL A 116 -3.83 28.34 10.51
CA VAL A 116 -3.05 27.16 10.10
C VAL A 116 -2.26 27.47 8.84
N ILE A 117 -0.98 27.10 8.86
CA ILE A 117 -0.24 27.13 7.61
C ILE A 117 0.09 25.70 7.27
N TRP A 118 -0.22 25.29 6.05
CA TRP A 118 -0.16 23.88 5.63
C TRP A 118 0.77 23.77 4.46
N VAL A 119 1.92 23.14 4.69
CA VAL A 119 2.98 23.02 3.72
C VAL A 119 2.91 21.60 3.18
N ASP A 120 2.66 21.49 1.89
CA ASP A 120 2.29 20.21 1.35
C ASP A 120 2.15 20.22 -0.17
N ALA A 121 2.36 19.08 -0.78
CA ALA A 121 2.08 18.96 -2.23
C ALA A 121 0.59 18.76 -2.49
N HIS A 122 -0.12 18.34 -1.45
CA HIS A 122 -1.56 18.01 -1.51
C HIS A 122 -2.41 18.91 -0.60
N THR A 123 -3.69 19.03 -0.93
CA THR A 123 -4.60 19.89 -0.14
C THR A 123 -5.19 19.09 1.03
N ASP A 124 -4.99 17.77 0.97
CA ASP A 124 -5.49 16.85 2.02
C ASP A 124 -6.90 17.22 2.46
N ILE A 125 -7.73 17.64 1.52
CA ILE A 125 -9.03 18.16 1.87
C ILE A 125 -10.18 17.29 1.31
N ASN A 126 -9.85 16.09 0.80
CA ASN A 126 -10.94 15.20 0.39
C ASN A 126 -11.87 14.91 1.54
N THR A 127 -13.15 14.72 1.24
CA THR A 127 -14.08 14.25 2.27
C THR A 127 -14.17 12.74 2.14
N PRO A 128 -14.86 12.07 3.09
CA PRO A 128 -15.03 10.63 2.98
C PRO A 128 -15.82 10.26 1.73
N LEU A 129 -16.55 11.24 1.21
CA LEU A 129 -17.35 11.06 0.01
C LEU A 129 -16.68 11.45 -1.29
N THR A 130 -15.72 12.39 -1.26
CA THR A 130 -15.06 12.75 -2.50
C THR A 130 -13.78 11.93 -2.73
N THR A 131 -13.24 11.36 -1.66
CA THR A 131 -11.99 10.54 -1.79
C THR A 131 -12.17 9.42 -2.82
N THR A 132 -11.14 9.16 -3.64
CA THR A 132 -11.10 7.97 -4.46
C THR A 132 -10.14 6.91 -3.86
N SER A 133 -9.20 7.33 -3.04
CA SER A 133 -8.20 6.41 -2.50
C SER A 133 -8.68 5.75 -1.20
N GLY A 134 -9.56 6.44 -0.49
CA GLY A 134 -10.00 5.97 0.82
C GLY A 134 -8.95 6.18 1.90
N ASN A 135 -7.78 6.71 1.51
CA ASN A 135 -6.69 6.97 2.48
C ASN A 135 -6.93 8.23 3.32
N LEU A 136 -7.04 8.10 4.64
CA LEU A 136 -7.40 9.29 5.48
C LEU A 136 -6.36 10.41 5.59
N HIS A 137 -5.10 10.10 5.36
CA HIS A 137 -4.08 11.18 5.35
C HIS A 137 -4.34 12.13 4.19
N GLY A 138 -5.32 11.82 3.34
CA GLY A 138 -5.73 12.66 2.22
C GLY A 138 -7.00 13.41 2.57
N GLN A 139 -7.43 13.33 3.83
CA GLN A 139 -8.72 13.89 4.21
C GLN A 139 -8.73 14.81 5.44
N PRO A 140 -7.57 14.98 6.13
CA PRO A 140 -7.67 15.69 7.42
C PRO A 140 -8.35 17.11 7.40
N VAL A 141 -8.20 17.88 6.34
CA VAL A 141 -8.70 19.26 6.36
C VAL A 141 -10.22 19.30 6.30
N SER A 142 -10.82 18.31 5.62
CA SER A 142 -12.29 18.25 5.45
C SER A 142 -13.01 18.13 6.78
N PHE A 143 -12.38 17.41 7.71
CA PHE A 143 -12.93 17.15 9.02
C PHE A 143 -12.81 18.36 9.93
N LEU A 144 -11.80 19.20 9.65
CA LEU A 144 -11.48 20.33 10.53
C LEU A 144 -12.26 21.59 10.21
N LEU A 145 -12.80 21.67 9.00
CA LEU A 145 -13.40 22.90 8.53
C LEU A 145 -14.88 23.00 8.88
N LYS A 146 -15.27 24.15 9.42
CA LYS A 146 -16.66 24.33 9.84
C LYS A 146 -17.57 24.31 8.62
N GLU A 147 -17.03 24.82 7.52
CA GLU A 147 -17.86 25.06 6.35
C GLU A 147 -18.32 23.77 5.74
N LEU A 148 -17.59 22.70 6.00
CA LEU A 148 -17.91 21.37 5.46
C LEU A 148 -18.78 20.53 6.39
N LYS A 149 -19.16 21.12 7.53
CA LYS A 149 -20.10 20.43 8.43
C LYS A 149 -21.42 20.36 7.67
N GLY A 150 -21.86 19.16 7.40
CA GLY A 150 -23.01 18.95 6.55
C GLY A 150 -22.56 18.00 5.47
N LYS A 151 -21.26 18.05 5.17
CA LYS A 151 -20.67 17.21 4.12
C LYS A 151 -19.86 15.99 4.56
N ILE A 152 -19.50 15.92 5.84
CA ILE A 152 -18.76 14.78 6.37
C ILE A 152 -19.74 13.78 6.99
N PRO A 153 -19.88 12.58 6.40
CA PRO A 153 -20.76 11.56 7.01
C PRO A 153 -20.25 11.17 8.41
N ASP A 154 -21.03 10.39 9.16
CA ASP A 154 -20.58 9.91 10.45
C ASP A 154 -19.70 8.71 10.24
N VAL A 155 -18.40 8.89 10.40
CA VAL A 155 -17.42 7.81 10.16
C VAL A 155 -17.00 7.21 11.48
N PRO A 156 -17.04 5.88 11.61
CA PRO A 156 -16.69 5.34 12.93
C PRO A 156 -15.29 5.80 13.30
N GLY A 157 -15.12 6.04 14.58
CA GLY A 157 -13.86 6.52 15.12
C GLY A 157 -13.78 8.04 15.16
N PHE A 158 -14.73 8.73 14.54
CA PHE A 158 -14.63 10.21 14.46
C PHE A 158 -15.75 11.01 15.13
N SER A 159 -16.57 10.41 16.00
CA SER A 159 -17.70 11.20 16.53
C SER A 159 -17.22 12.26 17.55
N TRP A 160 -16.01 12.09 18.07
CA TRP A 160 -15.44 13.08 19.00
C TRP A 160 -15.09 14.38 18.32
N VAL A 161 -15.01 14.36 16.99
CA VAL A 161 -14.57 15.54 16.23
C VAL A 161 -15.56 16.67 16.13
N THR A 162 -15.04 17.89 16.25
CA THR A 162 -15.81 19.10 16.09
C THR A 162 -14.89 20.02 15.31
N PRO A 163 -15.28 20.41 14.09
CA PRO A 163 -14.47 21.26 13.22
C PRO A 163 -14.09 22.55 13.91
N CYS A 164 -12.81 22.82 14.02
CA CYS A 164 -12.36 23.97 14.80
C CYS A 164 -11.86 25.16 13.95
N ILE A 165 -11.73 24.98 12.64
CA ILE A 165 -11.22 26.12 11.85
C ILE A 165 -12.14 26.47 10.70
N SER A 166 -12.19 27.76 10.37
CA SER A 166 -12.89 28.24 9.19
C SER A 166 -12.02 28.33 7.93
N ALA A 167 -12.65 28.45 6.77
CA ALA A 167 -11.90 28.46 5.52
C ALA A 167 -10.87 29.59 5.53
N LYS A 168 -11.19 30.68 6.24
CA LYS A 168 -10.36 31.86 6.30
C LYS A 168 -9.09 31.67 7.14
N ASP A 169 -9.08 30.63 7.97
CA ASP A 169 -8.02 30.43 8.94
C ASP A 169 -6.85 29.55 8.51
N ILE A 170 -6.78 29.16 7.23
CA ILE A 170 -5.73 28.27 6.73
C ILE A 170 -5.15 28.79 5.41
N VAL A 171 -3.83 28.70 5.28
CA VAL A 171 -3.15 29.01 4.01
C VAL A 171 -2.34 27.78 3.64
N TYR A 172 -2.43 27.35 2.38
CA TYR A 172 -1.69 26.22 1.85
C TYR A 172 -0.45 26.79 1.14
N ILE A 173 0.67 26.12 1.27
CA ILE A 173 1.83 26.49 0.43
C ILE A 173 2.41 25.24 -0.16
N GLY A 174 2.53 25.19 -1.47
CA GLY A 174 3.19 24.11 -2.16
C GLY A 174 2.48 23.16 -3.14
N LEU A 175 1.21 23.46 -3.32
CA LEU A 175 0.32 22.55 -3.88
C LEU A 175 0.97 22.36 -5.26
N ARG A 176 0.90 21.11 -5.69
CA ARG A 176 1.08 20.62 -7.04
C ARG A 176 0.43 19.28 -7.47
N ASP A 177 -0.40 18.69 -6.61
CA ASP A 177 -1.11 17.45 -6.95
C ASP A 177 -2.52 17.44 -6.27
N VAL A 178 -3.45 18.21 -6.84
CA VAL A 178 -4.75 18.45 -6.20
C VAL A 178 -5.87 17.70 -6.95
N ASP A 179 -6.68 16.89 -6.24
CA ASP A 179 -7.75 16.11 -6.87
C ASP A 179 -8.82 17.07 -7.32
N PRO A 180 -9.59 16.72 -8.37
CA PRO A 180 -10.65 17.63 -8.85
C PRO A 180 -11.61 18.07 -7.76
N GLY A 181 -12.10 17.13 -6.96
CA GLY A 181 -13.03 17.47 -5.90
C GLY A 181 -12.41 18.44 -4.90
N GLU A 182 -11.16 18.19 -4.56
CA GLU A 182 -10.37 19.06 -3.66
C GLU A 182 -10.33 20.45 -4.27
N HIS A 183 -10.07 20.56 -5.57
CA HIS A 183 -9.99 21.84 -6.28
C HIS A 183 -11.34 22.53 -6.27
N TYR A 184 -12.42 21.78 -6.45
CA TYR A 184 -13.77 22.34 -6.31
C TYR A 184 -13.98 22.97 -4.92
N ILE A 185 -13.61 22.23 -3.88
CA ILE A 185 -13.79 22.73 -2.50
C ILE A 185 -12.94 23.96 -2.31
N LEU A 186 -11.69 23.81 -2.77
CA LEU A 186 -10.68 24.89 -2.64
C LEU A 186 -11.25 26.22 -3.18
N LYS A 187 -11.86 26.16 -4.37
CA LYS A 187 -12.37 27.31 -5.08
C LYS A 187 -13.69 27.75 -4.53
N THR A 188 -14.51 26.78 -4.10
CA THR A 188 -15.82 27.12 -3.57
C THR A 188 -15.73 27.85 -2.23
N LEU A 189 -14.90 27.34 -1.32
CA LEU A 189 -14.74 27.97 -0.05
C LEU A 189 -13.81 29.16 -0.05
N GLY A 190 -13.10 29.39 -1.14
CA GLY A 190 -12.26 30.58 -1.28
C GLY A 190 -11.06 30.56 -0.37
N ILE A 191 -10.48 29.37 -0.19
CA ILE A 191 -9.32 29.22 0.66
C ILE A 191 -8.06 29.87 0.10
N LYS A 192 -7.28 30.52 0.96
CA LYS A 192 -6.04 31.12 0.49
C LYS A 192 -5.01 30.00 0.19
N TYR A 193 -4.48 29.97 -1.04
CA TYR A 193 -3.45 28.99 -1.40
C TYR A 193 -2.32 29.58 -2.26
N PHE A 194 -1.11 29.03 -2.11
CA PHE A 194 -0.04 29.33 -3.06
C PHE A 194 0.46 28.02 -3.58
N SER A 195 -0.03 27.63 -4.74
CA SER A 195 0.44 26.40 -5.38
C SER A 195 1.85 26.69 -5.87
N MET A 196 2.50 25.69 -6.47
CA MET A 196 3.86 25.90 -6.97
C MET A 196 3.84 26.96 -8.06
N THR A 197 2.69 27.06 -8.70
CA THR A 197 2.42 28.12 -9.69
C THR A 197 2.59 29.55 -9.14
N GLU A 198 1.99 29.81 -7.97
CA GLU A 198 2.14 31.06 -7.22
C GLU A 198 3.55 31.31 -6.70
N VAL A 199 4.17 30.26 -6.13
CA VAL A 199 5.54 30.36 -5.65
C VAL A 199 6.44 30.76 -6.79
N ASP A 200 6.19 30.16 -7.96
CA ASP A 200 6.95 30.45 -9.20
C ASP A 200 6.70 31.86 -9.67
N ARG A 201 5.43 32.29 -9.57
CA ARG A 201 5.00 33.63 -10.01
C ARG A 201 5.61 34.67 -9.14
N LEU A 202 5.50 34.48 -7.83
CA LEU A 202 5.79 35.55 -6.86
C LEU A 202 7.17 35.49 -6.21
N GLY A 203 7.71 34.29 -6.08
CA GLY A 203 8.93 34.11 -5.32
C GLY A 203 8.54 33.86 -3.90
N ILE A 204 9.33 33.05 -3.20
CA ILE A 204 8.96 32.63 -1.84
C ILE A 204 8.92 33.82 -0.88
N GLY A 205 9.69 34.88 -1.17
CA GLY A 205 9.72 36.05 -0.28
C GLY A 205 8.32 36.66 -0.18
N LYS A 206 7.71 36.94 -1.34
CA LYS A 206 6.34 37.52 -1.39
C LYS A 206 5.27 36.53 -0.90
N VAL A 207 5.43 35.23 -1.20
CA VAL A 207 4.50 34.19 -0.71
C VAL A 207 4.39 34.31 0.84
N MET A 208 5.52 34.36 1.54
CA MET A 208 5.52 34.38 3.02
C MET A 208 4.98 35.72 3.56
N GLU A 209 5.37 36.81 2.91
CA GLU A 209 4.76 38.11 3.24
C GLU A 209 3.23 38.10 3.11
N GLU A 210 2.68 37.58 2.00
CA GLU A 210 1.22 37.50 1.85
C GLU A 210 0.60 36.51 2.82
N THR A 211 1.28 35.38 3.02
CA THR A 211 0.78 34.38 3.94
C THR A 211 0.65 34.98 5.34
N LEU A 212 1.74 35.57 5.84
CA LEU A 212 1.71 36.07 7.22
C LEU A 212 0.79 37.30 7.36
N SER A 213 0.69 38.08 6.30
CA SER A 213 -0.17 39.27 6.35
C SER A 213 -1.62 38.85 6.41
N TYR A 214 -1.94 37.86 5.58
CA TYR A 214 -3.28 37.30 5.49
C TYR A 214 -3.74 36.66 6.81
N LEU A 215 -2.85 35.94 7.49
CA LEU A 215 -3.24 35.35 8.73
C LEU A 215 -3.18 36.31 9.94
N LEU A 216 -2.35 37.33 9.88
CA LEU A 216 -2.09 38.09 11.11
C LEU A 216 -2.37 39.57 10.94
N GLY A 217 -2.83 39.94 9.75
CA GLY A 217 -3.09 41.33 9.46
C GLY A 217 -4.05 41.85 10.48
N ARG A 218 -5.25 41.26 10.52
CA ARG A 218 -6.30 41.62 11.47
C ARG A 218 -5.84 41.66 12.93
N LYS A 219 -5.19 40.59 13.39
CA LYS A 219 -4.91 40.39 14.81
C LYS A 219 -3.74 39.42 14.93
N LYS A 220 -2.88 39.59 15.91
CA LYS A 220 -1.93 38.49 16.22
C LYS A 220 -2.76 37.30 16.74
N ARG A 221 -2.31 36.09 16.43
CA ARG A 221 -2.95 34.85 16.89
C ARG A 221 -1.93 33.69 16.83
N PRO A 222 -2.15 32.62 17.62
CA PRO A 222 -1.19 31.52 17.53
C PRO A 222 -1.18 30.84 16.15
N ILE A 223 -0.02 30.38 15.72
CA ILE A 223 0.09 29.74 14.41
C ILE A 223 0.29 28.25 14.56
N HIS A 224 -0.47 27.45 13.81
CA HIS A 224 -0.17 26.01 13.77
C HIS A 224 0.39 25.70 12.42
N LEU A 225 1.60 25.15 12.35
CA LEU A 225 2.23 24.79 11.06
C LEU A 225 2.26 23.26 10.92
N SER A 226 1.55 22.77 9.91
CA SER A 226 1.47 21.36 9.58
C SER A 226 2.33 21.15 8.36
N PHE A 227 3.52 20.60 8.59
CA PHE A 227 4.50 20.44 7.54
C PHE A 227 4.55 19.01 7.05
N ASP A 228 4.01 18.76 5.85
CA ASP A 228 4.14 17.46 5.21
C ASP A 228 5.45 17.51 4.49
N VAL A 229 6.33 16.53 4.72
CA VAL A 229 7.66 16.65 4.12
C VAL A 229 7.59 16.48 2.61
N ASP A 230 6.50 15.91 2.09
CA ASP A 230 6.37 15.81 0.61
C ASP A 230 6.07 17.18 -0.05
N GLY A 231 5.95 18.21 0.78
CA GLY A 231 5.81 19.58 0.28
C GLY A 231 7.10 20.01 -0.43
N LEU A 232 8.22 19.51 0.07
CA LEU A 232 9.52 19.78 -0.60
C LEU A 232 9.70 18.78 -1.71
N ASP A 233 10.48 19.21 -2.69
CA ASP A 233 10.82 18.38 -3.83
C ASP A 233 11.44 17.04 -3.34
N PRO A 234 11.15 15.94 -4.05
CA PRO A 234 11.68 14.62 -3.64
C PRO A 234 13.24 14.51 -3.77
N SER A 235 13.86 15.44 -4.46
CA SER A 235 15.32 15.57 -4.40
C SER A 235 15.85 15.94 -3.02
N PHE A 236 15.00 16.46 -2.13
CA PHE A 236 15.39 16.75 -0.74
C PHE A 236 14.77 15.81 0.29
N THR A 237 13.57 15.35 0.00
CA THR A 237 12.82 14.45 0.89
C THR A 237 12.23 13.27 0.16
N PRO A 238 13.11 12.40 -0.41
CA PRO A 238 12.58 11.28 -1.18
C PRO A 238 11.88 10.18 -0.36
N ALA A 239 12.31 9.97 0.87
CA ALA A 239 11.82 8.87 1.67
C ALA A 239 10.40 9.20 2.19
N THR A 240 9.41 9.14 1.32
CA THR A 240 8.09 9.59 1.72
C THR A 240 7.08 8.91 0.84
N GLY A 241 5.83 8.84 1.30
CA GLY A 241 4.81 8.03 0.62
C GLY A 241 4.33 8.53 -0.74
N THR A 242 4.07 9.82 -0.85
CA THR A 242 3.44 10.36 -2.04
C THR A 242 4.28 11.54 -2.60
N PRO A 243 5.50 11.27 -3.11
CA PRO A 243 6.41 12.32 -3.57
C PRO A 243 5.89 12.90 -4.88
N VAL A 244 6.14 14.18 -5.12
CA VAL A 244 5.71 14.80 -6.37
C VAL A 244 6.83 15.72 -6.82
N VAL A 245 7.29 15.55 -8.07
CA VAL A 245 8.32 16.40 -8.61
C VAL A 245 7.83 17.86 -8.74
N GLY A 246 8.77 18.78 -8.89
CA GLY A 246 8.46 20.22 -8.94
C GLY A 246 8.14 20.81 -7.59
N GLY A 247 8.76 20.27 -6.57
CA GLY A 247 8.46 20.71 -5.19
C GLY A 247 9.22 21.94 -4.78
N LEU A 248 8.92 22.42 -3.58
CA LEU A 248 9.68 23.48 -2.93
C LEU A 248 11.16 23.11 -2.70
N THR A 249 12.06 24.08 -2.86
CA THR A 249 13.44 23.77 -2.56
C THR A 249 13.67 23.69 -1.05
N TYR A 250 14.85 23.17 -0.72
CA TYR A 250 15.38 23.13 0.63
C TYR A 250 15.40 24.55 1.17
N ARG A 251 15.97 25.46 0.36
CA ARG A 251 16.02 26.87 0.68
C ARG A 251 14.64 27.45 0.95
N GLU A 252 13.69 27.15 0.08
CA GLU A 252 12.35 27.65 0.33
C GLU A 252 11.74 27.10 1.63
N GLY A 253 11.95 25.82 1.86
CA GLY A 253 11.50 25.19 3.10
C GLY A 253 12.04 25.91 4.33
N LEU A 254 13.33 26.23 4.33
CA LEU A 254 14.00 26.96 5.41
C LEU A 254 13.52 28.42 5.48
N TYR A 255 13.28 29.03 4.33
CA TYR A 255 12.74 30.42 4.35
C TYR A 255 11.32 30.46 4.95
N ILE A 256 10.44 29.56 4.49
CA ILE A 256 9.11 29.48 5.13
C ILE A 256 9.19 29.43 6.67
N THR A 257 10.02 28.53 7.16
CA THR A 257 10.07 28.28 8.62
C THR A 257 10.82 29.37 9.39
N GLU A 258 11.89 29.88 8.78
CA GLU A 258 12.59 31.06 9.28
C GLU A 258 11.62 32.20 9.48
N GLU A 259 10.86 32.51 8.45
CA GLU A 259 9.86 33.58 8.56
C GLU A 259 8.81 33.30 9.65
N ILE A 260 8.30 32.08 9.71
CA ILE A 260 7.29 31.74 10.77
C ILE A 260 7.85 31.89 12.19
N TYR A 261 9.08 31.43 12.36
CA TYR A 261 9.78 31.47 13.63
C TYR A 261 9.81 32.91 14.04
N LYS A 262 10.10 33.79 13.10
CA LYS A 262 10.31 35.19 13.44
C LYS A 262 9.04 35.94 13.86
N THR A 263 7.87 35.38 13.56
CA THR A 263 6.64 35.97 14.07
C THR A 263 6.60 35.89 15.60
N GLY A 264 7.25 34.88 16.15
CA GLY A 264 7.20 34.64 17.59
C GLY A 264 5.83 34.13 17.99
N LEU A 265 5.04 33.71 16.99
CA LEU A 265 3.70 33.17 17.24
C LEU A 265 3.55 31.66 16.85
N LEU A 266 4.66 31.01 16.52
CA LEU A 266 4.57 29.54 16.34
C LEU A 266 4.05 28.91 17.62
N SER A 267 2.98 28.12 17.50
CA SER A 267 2.32 27.58 18.68
C SER A 267 2.21 26.06 18.58
N GLY A 268 2.09 25.55 17.36
CA GLY A 268 1.97 24.11 17.17
C GLY A 268 2.71 23.68 15.93
N LEU A 269 3.38 22.54 15.99
CA LEU A 269 4.08 22.09 14.79
C LEU A 269 3.93 20.57 14.57
N ASP A 270 3.73 20.19 13.31
CA ASP A 270 3.63 18.80 12.90
C ASP A 270 4.72 18.60 11.86
N ILE A 271 5.47 17.50 11.99
CA ILE A 271 6.52 17.17 11.03
C ILE A 271 6.18 15.79 10.48
N MET A 272 5.59 15.76 9.29
CA MET A 272 4.82 14.57 8.91
C MET A 272 5.28 13.86 7.66
N GLU A 273 4.94 12.58 7.58
CA GLU A 273 5.15 11.74 6.41
C GLU A 273 6.59 11.24 6.12
N VAL A 274 7.51 11.40 7.05
CA VAL A 274 8.82 10.78 6.88
C VAL A 274 8.70 9.26 6.97
N ASN A 275 8.97 8.58 5.85
CA ASN A 275 8.91 7.11 5.76
C ASN A 275 10.30 6.56 5.39
N PRO A 276 11.12 6.29 6.41
CA PRO A 276 12.51 5.84 6.16
C PRO A 276 12.57 4.57 5.32
N SER A 277 11.57 3.69 5.44
CA SER A 277 11.48 2.49 4.67
C SER A 277 11.35 2.77 3.17
N LEU A 278 11.00 3.99 2.79
CA LEU A 278 10.72 4.23 1.38
C LEU A 278 11.93 4.81 0.62
N GLY A 279 13.01 5.11 1.32
CA GLY A 279 14.25 5.46 0.69
C GLY A 279 14.81 4.31 -0.12
N LYS A 280 15.11 4.60 -1.38
CA LYS A 280 15.70 3.62 -2.27
C LYS A 280 17.14 3.23 -1.86
N THR A 281 17.75 4.05 -1.00
CA THR A 281 19.10 3.85 -0.51
C THR A 281 19.20 4.40 0.93
N PRO A 282 20.22 3.97 1.68
CA PRO A 282 20.45 4.58 2.99
C PRO A 282 20.78 6.09 2.93
N GLU A 283 21.37 6.56 1.83
CA GLU A 283 21.61 8.01 1.76
C GLU A 283 20.33 8.81 1.54
N GLU A 284 19.37 8.21 0.83
CA GLU A 284 18.09 8.89 0.62
C GLU A 284 17.34 9.05 1.95
N VAL A 285 17.45 8.06 2.81
CA VAL A 285 16.87 8.14 4.15
C VAL A 285 17.49 9.29 4.94
N THR A 286 18.82 9.37 4.94
CA THR A 286 19.55 10.35 5.75
C THR A 286 19.24 11.77 5.27
N ARG A 287 19.26 11.94 3.94
CA ARG A 287 18.90 13.18 3.30
C ARG A 287 17.50 13.60 3.77
N THR A 288 16.56 12.66 3.78
CA THR A 288 15.18 12.98 4.23
C THR A 288 15.04 13.40 5.70
N VAL A 289 15.46 12.53 6.60
CA VAL A 289 15.58 12.85 8.01
C VAL A 289 16.46 14.11 8.21
N ASN A 290 17.60 14.25 7.53
CA ASN A 290 18.35 15.50 7.73
C ASN A 290 17.56 16.78 7.39
N THR A 291 16.86 16.75 6.27
CA THR A 291 16.03 17.89 5.84
C THR A 291 14.95 18.15 6.88
N ALA A 292 14.27 17.08 7.29
CA ALA A 292 13.20 17.20 8.28
C ALA A 292 13.74 17.88 9.55
N VAL A 293 14.91 17.47 9.98
CA VAL A 293 15.47 18.04 11.22
C VAL A 293 15.77 19.54 11.02
N ALA A 294 16.33 19.86 9.86
CA ALA A 294 16.73 21.22 9.58
C ALA A 294 15.53 22.13 9.53
N ILE A 295 14.41 21.67 8.94
CA ILE A 295 13.18 22.45 8.84
C ILE A 295 12.72 22.80 10.25
N THR A 296 12.75 21.78 11.11
CA THR A 296 12.35 21.87 12.51
C THR A 296 13.20 22.85 13.32
N LEU A 297 14.53 22.73 13.24
CA LEU A 297 15.42 23.65 13.94
C LEU A 297 15.15 25.10 13.52
N ALA A 298 14.95 25.36 12.22
CA ALA A 298 14.63 26.71 11.74
C ALA A 298 13.36 27.23 12.45
N CYS A 299 12.39 26.31 12.68
CA CYS A 299 11.11 26.64 13.26
C CYS A 299 11.31 27.15 14.70
N PHE A 300 12.42 26.77 15.30
CA PHE A 300 12.71 27.18 16.69
C PHE A 300 13.95 28.06 16.82
N GLY A 301 14.23 28.86 15.79
CA GLY A 301 15.22 29.91 15.93
C GLY A 301 16.51 29.84 15.11
N LEU A 302 16.87 28.66 14.62
CA LEU A 302 18.15 28.46 13.90
C LEU A 302 18.06 29.19 12.56
N ALA A 303 18.86 30.24 12.41
CA ALA A 303 18.80 31.09 11.22
C ALA A 303 20.06 30.95 10.39
N ARG A 304 19.90 30.98 9.07
CA ARG A 304 21.06 30.88 8.18
C ARG A 304 22.14 31.99 8.29
N GLU A 305 21.72 33.24 8.57
CA GLU A 305 22.64 34.35 8.80
C GLU A 305 23.48 34.13 10.05
N GLY A 306 23.05 33.21 10.91
CA GLY A 306 23.76 32.97 12.16
C GLY A 306 22.92 33.31 13.37
N ASN A 307 23.41 32.89 14.55
CA ASN A 307 22.77 33.16 15.81
C ASN A 307 23.88 33.42 16.86
N HIS A 308 23.60 34.23 17.86
CA HIS A 308 24.54 34.32 19.01
C HIS A 308 23.81 34.64 20.28
N LYS A 309 24.45 34.36 21.40
CA LYS A 309 23.88 34.61 22.71
C LYS A 309 24.00 36.08 23.06
N PRO A 310 23.20 36.57 24.01
CA PRO A 310 23.35 37.97 24.35
C PRO A 310 24.57 38.19 25.23
N ILE A 311 25.76 37.92 24.68
CA ILE A 311 27.03 38.36 25.31
C ILE A 311 27.93 39.09 24.31
N ASP A 312 28.96 39.75 24.81
CA ASP A 312 29.98 40.35 23.96
C ASP A 312 31.04 39.30 23.63
N TYR A 313 31.09 38.86 22.37
CA TYR A 313 32.03 37.81 21.94
C TYR A 313 33.47 38.27 21.79
N LEU A 314 33.73 39.58 21.70
CA LEU A 314 35.10 40.09 21.46
C LEU A 314 35.89 40.45 22.73
N SER B 1 -20.96 -15.08 -23.38
CA SER B 1 -20.59 -16.27 -22.55
C SER B 1 -19.14 -16.22 -22.03
N ARG B 2 -18.51 -17.39 -22.05
CA ARG B 2 -17.30 -17.65 -21.27
C ARG B 2 -16.41 -18.68 -22.00
N THR B 3 -15.59 -18.20 -22.94
CA THR B 3 -14.66 -19.03 -23.69
C THR B 3 -13.36 -19.23 -22.93
N ILE B 4 -12.71 -20.38 -23.11
CA ILE B 4 -11.55 -20.76 -22.30
C ILE B 4 -10.41 -21.26 -23.19
N GLY B 5 -9.17 -20.96 -22.80
CA GLY B 5 -8.02 -21.52 -23.52
C GLY B 5 -7.08 -22.24 -22.57
N ILE B 6 -7.02 -23.56 -22.66
CA ILE B 6 -6.15 -24.35 -21.79
C ILE B 6 -4.69 -24.26 -22.21
N ILE B 7 -3.80 -24.18 -21.21
CA ILE B 7 -2.34 -24.14 -21.45
C ILE B 7 -1.67 -25.03 -20.39
N GLY B 8 -1.13 -26.17 -20.80
CA GLY B 8 -0.39 -27.04 -19.88
C GLY B 8 1.00 -26.40 -19.68
N ALA B 9 1.48 -26.32 -18.44
CA ALA B 9 2.86 -25.89 -18.25
C ALA B 9 3.57 -26.90 -17.36
N PRO B 10 3.98 -28.05 -17.93
CA PRO B 10 4.62 -29.08 -17.12
C PRO B 10 6.05 -28.71 -16.73
N PHE B 11 6.19 -27.77 -15.78
CA PHE B 11 7.50 -27.25 -15.43
C PHE B 11 7.73 -27.30 -13.93
N SER B 12 8.96 -27.61 -13.51
CA SER B 12 9.19 -27.82 -12.09
C SER B 12 10.43 -27.13 -11.55
N LYS B 13 11.25 -26.56 -12.42
CA LYS B 13 12.57 -26.09 -12.04
C LYS B 13 12.60 -24.83 -11.17
N GLY B 14 11.42 -24.31 -10.83
CA GLY B 14 11.34 -23.24 -9.88
C GLY B 14 11.44 -23.77 -8.46
N GLN B 15 11.56 -25.09 -8.33
CA GLN B 15 11.64 -25.69 -6.97
C GLN B 15 12.30 -27.06 -6.98
N PRO B 16 12.55 -27.64 -5.77
CA PRO B 16 13.40 -28.84 -5.73
C PRO B 16 12.73 -30.20 -6.01
N ARG B 17 11.40 -30.29 -5.87
CA ARG B 17 10.74 -31.61 -6.08
C ARG B 17 10.13 -31.86 -7.49
N GLY B 18 10.83 -32.66 -8.29
CA GLY B 18 10.31 -33.14 -9.58
C GLY B 18 8.94 -33.79 -9.31
N GLY B 19 8.03 -33.68 -10.26
CA GLY B 19 6.70 -34.31 -10.09
C GLY B 19 5.61 -33.29 -10.38
N VAL B 20 5.85 -32.06 -9.96
CA VAL B 20 4.87 -30.97 -10.14
C VAL B 20 4.73 -30.72 -11.66
N GLU B 21 5.69 -31.20 -12.44
CA GLU B 21 5.57 -31.08 -13.89
C GLU B 21 4.51 -32.03 -14.42
N GLU B 22 4.00 -32.89 -13.54
CA GLU B 22 2.95 -33.80 -13.96
C GLU B 22 1.55 -33.25 -13.68
N GLY B 23 1.46 -32.11 -13.00
CA GLY B 23 0.19 -31.43 -12.81
C GLY B 23 -0.71 -31.40 -14.02
N PRO B 24 -0.22 -30.88 -15.16
CA PRO B 24 -1.12 -30.77 -16.31
C PRO B 24 -1.74 -32.12 -16.71
N THR B 25 -0.94 -33.17 -16.58
CA THR B 25 -1.29 -34.51 -17.01
C THR B 25 -2.40 -35.12 -16.16
N VAL B 26 -2.24 -35.02 -14.84
CA VAL B 26 -3.19 -35.56 -13.89
C VAL B 26 -4.49 -34.74 -13.86
N LEU B 27 -4.35 -33.43 -14.05
CA LEU B 27 -5.50 -32.53 -14.09
C LEU B 27 -6.36 -32.84 -15.30
N ARG B 28 -5.71 -33.16 -16.42
CA ARG B 28 -6.42 -33.51 -17.65
C ARG B 28 -7.00 -34.91 -17.54
N LYS B 29 -6.19 -35.86 -17.07
CA LYS B 29 -6.64 -37.21 -16.89
C LYS B 29 -7.85 -37.28 -15.93
N ALA B 30 -8.02 -36.28 -15.10
CA ALA B 30 -9.18 -36.26 -14.19
C ALA B 30 -10.44 -35.86 -14.93
N GLY B 31 -10.31 -35.54 -16.21
CA GLY B 31 -11.45 -35.24 -17.06
C GLY B 31 -11.86 -33.79 -16.98
N LEU B 32 -10.91 -32.92 -16.69
CA LEU B 32 -11.18 -31.48 -16.56
C LEU B 32 -11.88 -30.84 -17.78
N LEU B 33 -11.39 -31.14 -18.96
CA LEU B 33 -11.88 -30.46 -20.14
C LEU B 33 -13.31 -30.85 -20.44
N GLU B 34 -13.59 -32.14 -20.34
CA GLU B 34 -14.94 -32.63 -20.46
C GLU B 34 -15.84 -31.96 -19.42
N LYS B 35 -15.33 -31.78 -18.20
CA LYS B 35 -16.18 -31.28 -17.13
C LYS B 35 -16.49 -29.80 -17.36
N LEU B 36 -15.50 -29.07 -17.89
CA LEU B 36 -15.68 -27.69 -18.31
C LEU B 36 -16.62 -27.55 -19.50
N LYS B 37 -16.60 -28.53 -20.39
CA LYS B 37 -17.53 -28.59 -21.53
C LYS B 37 -18.92 -28.97 -21.03
N GLU B 38 -18.97 -29.93 -20.14
CA GLU B 38 -20.22 -30.33 -19.54
C GLU B 38 -20.93 -29.14 -18.99
N GLN B 39 -20.20 -28.23 -18.40
CA GLN B 39 -20.83 -27.01 -17.97
C GLN B 39 -20.84 -26.07 -19.14
N GLU B 40 -21.04 -24.80 -18.90
CA GLU B 40 -21.41 -23.87 -19.95
C GLU B 40 -20.37 -23.77 -21.11
N CYS B 41 -19.10 -24.04 -20.81
CA CYS B 41 -17.95 -23.46 -21.51
C CYS B 41 -17.56 -23.89 -22.94
N ASP B 42 -16.97 -22.94 -23.67
CA ASP B 42 -16.35 -23.19 -24.98
C ASP B 42 -14.83 -23.31 -24.80
N VAL B 43 -14.32 -24.54 -24.78
CA VAL B 43 -12.90 -24.81 -24.46
C VAL B 43 -12.04 -25.03 -25.70
N LYS B 44 -10.83 -24.46 -25.71
CA LYS B 44 -9.79 -24.76 -26.73
C LYS B 44 -8.48 -25.18 -26.04
N ASP B 45 -8.01 -26.40 -26.26
CA ASP B 45 -6.77 -26.82 -25.62
C ASP B 45 -5.59 -26.39 -26.47
N TYR B 46 -4.72 -25.53 -25.93
CA TYR B 46 -3.52 -25.12 -26.64
C TYR B 46 -2.33 -26.02 -26.30
N GLY B 47 -2.60 -27.20 -25.78
CA GLY B 47 -1.58 -28.22 -25.53
C GLY B 47 -0.73 -27.89 -24.31
N ASP B 48 0.33 -28.67 -24.10
CA ASP B 48 1.28 -28.40 -23.03
C ASP B 48 2.58 -27.86 -23.63
N LEU B 49 3.08 -26.74 -23.11
CA LEU B 49 4.28 -26.12 -23.66
C LEU B 49 5.47 -27.09 -23.63
N PRO B 50 6.25 -27.17 -24.72
CA PRO B 50 7.51 -27.87 -24.66
C PRO B 50 8.59 -26.96 -24.10
N PHE B 51 9.05 -27.24 -22.88
CA PHE B 51 10.17 -26.53 -22.26
C PHE B 51 11.44 -27.36 -22.46
N ALA B 52 12.36 -26.90 -23.30
CA ALA B 52 13.56 -27.70 -23.60
C ALA B 52 14.59 -27.52 -22.49
N ASP B 53 15.23 -28.61 -22.08
CA ASP B 53 16.19 -28.58 -20.98
C ASP B 53 17.33 -27.59 -21.26
N ILE B 54 17.84 -26.96 -20.21
CA ILE B 54 19.00 -26.10 -20.25
C ILE B 54 20.08 -26.75 -19.36
N PRO B 55 20.87 -27.67 -19.96
CA PRO B 55 21.83 -28.53 -19.24
C PRO B 55 22.84 -27.75 -18.37
N ASN B 56 23.29 -26.60 -18.87
CA ASN B 56 24.17 -25.72 -18.12
C ASN B 56 23.41 -24.49 -17.63
N ASP B 57 22.74 -24.62 -16.50
CA ASP B 57 21.96 -23.51 -15.99
C ASP B 57 22.51 -23.20 -14.66
N SER B 58 23.68 -22.58 -14.67
CA SER B 58 24.43 -22.31 -13.48
C SER B 58 23.68 -21.28 -12.61
N PRO B 59 23.76 -21.40 -11.27
CA PRO B 59 23.05 -20.56 -10.29
C PRO B 59 23.46 -19.09 -10.34
N PHE B 60 22.53 -18.21 -10.00
CA PHE B 60 22.84 -16.79 -9.79
C PHE B 60 22.93 -16.65 -8.28
N GLN B 61 24.14 -16.47 -7.75
CA GLN B 61 24.31 -16.56 -6.28
C GLN B 61 23.73 -17.90 -5.81
N ILE B 62 22.72 -17.86 -4.90
CA ILE B 62 22.04 -19.10 -4.51
C ILE B 62 20.77 -19.45 -5.30
N VAL B 63 20.35 -18.59 -6.23
CA VAL B 63 19.13 -18.82 -7.02
C VAL B 63 19.39 -19.86 -8.10
N LYS B 64 18.61 -20.94 -8.07
CA LYS B 64 18.85 -22.11 -8.90
C LYS B 64 18.01 -22.08 -10.19
N ASN B 65 18.56 -22.69 -11.22
CA ASN B 65 17.89 -22.82 -12.54
C ASN B 65 17.31 -21.51 -13.08
N PRO B 66 18.09 -20.41 -12.98
CA PRO B 66 17.61 -19.10 -13.46
C PRO B 66 17.26 -19.08 -14.95
N ARG B 67 18.07 -19.71 -15.77
CA ARG B 67 17.78 -19.71 -17.19
C ARG B 67 16.51 -20.54 -17.52
N SER B 68 16.39 -21.74 -16.96
CA SER B 68 15.22 -22.58 -17.24
C SER B 68 13.97 -21.85 -16.80
N VAL B 69 13.98 -21.29 -15.60
CA VAL B 69 12.81 -20.65 -15.02
C VAL B 69 12.43 -19.43 -15.82
N GLY B 70 13.43 -18.64 -16.17
CA GLY B 70 13.23 -17.43 -16.95
C GLY B 70 12.60 -17.72 -18.30
N LYS B 71 13.11 -18.75 -18.98
CA LYS B 71 12.63 -19.08 -20.33
C LYS B 71 11.22 -19.69 -20.34
N ALA B 72 10.96 -20.54 -19.34
CA ALA B 72 9.64 -21.16 -19.19
C ALA B 72 8.59 -20.08 -19.04
N SER B 73 8.85 -19.07 -18.21
CA SER B 73 7.92 -17.96 -18.03
C SER B 73 7.88 -17.10 -19.30
N GLU B 74 9.03 -16.94 -19.95
CA GLU B 74 9.01 -16.17 -21.18
C GLU B 74 8.09 -16.77 -22.23
N GLN B 75 8.15 -18.10 -22.41
CA GLN B 75 7.32 -18.78 -23.40
C GLN B 75 5.88 -18.79 -22.96
N LEU B 76 5.66 -18.89 -21.65
CA LEU B 76 4.27 -18.86 -21.12
C LEU B 76 3.61 -17.54 -21.41
N ALA B 77 4.35 -16.47 -21.18
CA ALA B 77 3.86 -15.12 -21.45
C ALA B 77 3.38 -14.96 -22.88
N GLY B 78 4.14 -15.47 -23.85
CA GLY B 78 3.77 -15.29 -25.25
C GLY B 78 2.54 -16.11 -25.61
N LYS B 79 2.45 -17.27 -24.94
CA LYS B 79 1.32 -18.22 -25.09
C LYS B 79 0.01 -17.72 -24.45
N VAL B 80 0.09 -17.16 -23.23
CA VAL B 80 -1.08 -16.52 -22.56
C VAL B 80 -1.56 -15.28 -23.33
N ALA B 81 -0.63 -14.44 -23.77
CA ALA B 81 -1.02 -13.27 -24.55
C ALA B 81 -1.75 -13.73 -25.82
N GLU B 82 -1.27 -14.79 -26.47
CA GLU B 82 -1.99 -15.33 -27.64
C GLU B 82 -3.43 -15.69 -27.29
N VAL B 83 -3.58 -16.42 -26.19
CA VAL B 83 -4.91 -16.85 -25.75
C VAL B 83 -5.79 -15.65 -25.42
N LYS B 84 -5.21 -14.64 -24.75
CA LYS B 84 -5.94 -13.41 -24.44
C LYS B 84 -6.34 -12.67 -25.72
N LYS B 85 -5.46 -12.71 -26.73
CA LYS B 85 -5.82 -12.11 -28.04
C LYS B 85 -6.98 -12.83 -28.75
N ASN B 86 -7.05 -14.15 -28.59
CA ASN B 86 -8.15 -14.95 -29.11
C ASN B 86 -9.45 -14.76 -28.36
N GLY B 87 -9.56 -13.70 -27.56
CA GLY B 87 -10.81 -13.48 -26.78
C GLY B 87 -11.20 -14.51 -25.73
N ARG B 88 -10.25 -15.30 -25.22
CA ARG B 88 -10.53 -16.40 -24.27
C ARG B 88 -9.87 -16.13 -22.91
N ILE B 89 -10.48 -16.67 -21.86
CA ILE B 89 -9.91 -16.72 -20.53
C ILE B 89 -8.74 -17.73 -20.52
N SER B 90 -7.54 -17.31 -20.17
CA SER B 90 -6.43 -18.26 -20.18
C SER B 90 -6.47 -19.09 -18.92
N LEU B 91 -6.23 -20.39 -19.08
CA LEU B 91 -6.25 -21.30 -17.92
C LEU B 91 -4.95 -22.11 -17.88
N VAL B 92 -4.03 -21.69 -17.00
CA VAL B 92 -2.69 -22.27 -16.92
C VAL B 92 -2.57 -23.42 -15.90
N LEU B 93 -2.25 -24.62 -16.39
CA LEU B 93 -2.07 -25.78 -15.50
C LEU B 93 -0.58 -25.95 -15.18
N GLY B 94 -0.21 -25.70 -13.92
CA GLY B 94 1.16 -25.84 -13.43
C GLY B 94 1.41 -27.30 -13.05
N GLY B 95 2.67 -27.64 -12.81
CA GLY B 95 3.77 -26.66 -12.84
C GLY B 95 3.93 -25.90 -11.51
N ASP B 96 5.16 -25.55 -11.17
CA ASP B 96 5.42 -24.75 -9.99
C ASP B 96 5.13 -23.28 -10.20
N HIS B 97 5.01 -22.62 -9.08
CA HIS B 97 4.49 -21.25 -9.08
C HIS B 97 5.35 -20.19 -9.71
N SER B 98 6.58 -20.52 -10.14
CA SER B 98 7.44 -19.50 -10.81
C SER B 98 6.80 -19.11 -12.15
N LEU B 99 6.07 -20.04 -12.75
CA LEU B 99 5.32 -19.72 -13.97
C LEU B 99 4.37 -18.53 -13.84
N ALA B 100 4.01 -18.13 -12.62
CA ALA B 100 3.15 -16.94 -12.51
C ALA B 100 3.82 -15.71 -13.15
N ILE B 101 5.14 -15.72 -13.21
CA ILE B 101 5.87 -14.65 -13.87
C ILE B 101 5.37 -14.54 -15.31
N GLY B 102 5.39 -15.68 -16.01
CA GLY B 102 4.96 -15.81 -17.38
C GLY B 102 3.49 -15.50 -17.58
N SER B 103 2.65 -16.13 -16.76
CA SER B 103 1.21 -16.10 -16.96
C SER B 103 0.63 -14.70 -16.79
N ILE B 104 1.08 -13.97 -15.77
CA ILE B 104 0.59 -12.63 -15.43
C ILE B 104 1.19 -11.57 -16.38
N SER B 105 2.46 -11.79 -16.78
CA SER B 105 3.12 -10.95 -17.81
C SER B 105 2.38 -10.98 -19.11
N GLY B 106 2.23 -12.20 -19.67
CA GLY B 106 1.41 -12.44 -20.84
C GLY B 106 0.03 -11.83 -20.74
N HIS B 107 -0.63 -12.08 -19.61
CA HIS B 107 -1.92 -11.49 -19.41
C HIS B 107 -1.88 -9.97 -19.40
N ALA B 108 -0.91 -9.37 -18.72
CA ALA B 108 -0.86 -7.92 -18.68
C ALA B 108 -0.51 -7.26 -20.03
N ARG B 109 0.01 -8.03 -20.97
CA ARG B 109 0.32 -7.46 -22.27
C ARG B 109 -1.00 -7.12 -22.97
N VAL B 110 -2.03 -7.95 -22.78
CA VAL B 110 -3.34 -7.71 -23.40
C VAL B 110 -4.22 -6.81 -22.52
N HIS B 111 -4.20 -7.06 -21.21
CA HIS B 111 -4.94 -6.25 -20.25
C HIS B 111 -4.00 -5.70 -19.21
N PRO B 112 -3.45 -4.52 -19.48
CA PRO B 112 -2.49 -3.88 -18.59
C PRO B 112 -3.10 -3.45 -17.27
N ASP B 113 -4.42 -3.34 -17.23
CA ASP B 113 -5.16 -2.87 -16.07
C ASP B 113 -5.66 -4.00 -15.14
N LEU B 114 -5.16 -5.23 -15.35
CA LEU B 114 -5.64 -6.41 -14.59
C LEU B 114 -5.35 -6.25 -13.09
N GLY B 115 -6.21 -6.82 -12.25
CA GLY B 115 -5.99 -6.82 -10.79
C GLY B 115 -5.73 -8.28 -10.39
N VAL B 116 -4.84 -8.53 -9.45
CA VAL B 116 -4.48 -9.92 -9.13
C VAL B 116 -5.00 -10.36 -7.76
N ILE B 117 -5.57 -11.56 -7.69
CA ILE B 117 -5.86 -12.31 -6.45
C ILE B 117 -4.98 -13.55 -6.34
N TRP B 118 -4.21 -13.60 -5.25
CA TRP B 118 -3.17 -14.58 -5.03
C TRP B 118 -3.49 -15.47 -3.83
N VAL B 119 -3.84 -16.70 -4.10
CA VAL B 119 -4.24 -17.65 -3.08
C VAL B 119 -3.10 -18.64 -2.75
N ASP B 120 -2.70 -18.70 -1.48
CA ASP B 120 -1.41 -19.27 -1.12
C ASP B 120 -1.15 -19.25 0.40
N ALA B 121 -0.40 -20.21 0.93
CA ALA B 121 0.12 -20.06 2.28
C ALA B 121 1.40 -19.23 2.28
N HIS B 122 1.81 -18.76 1.10
CA HIS B 122 3.04 -17.93 0.98
C HIS B 122 2.89 -16.72 0.11
N THR B 123 3.66 -15.69 0.35
CA THR B 123 3.70 -14.46 -0.42
C THR B 123 4.41 -14.53 -1.79
N ASP B 124 5.35 -15.44 -1.91
CA ASP B 124 6.08 -15.65 -3.13
C ASP B 124 6.76 -14.34 -3.63
N ILE B 125 7.17 -13.53 -2.68
CA ILE B 125 7.65 -12.20 -2.96
C ILE B 125 9.08 -12.01 -2.49
N ASN B 126 9.78 -13.10 -2.17
CA ASN B 126 11.21 -13.03 -1.99
C ASN B 126 11.86 -12.52 -3.25
N THR B 127 12.90 -11.69 -3.11
CA THR B 127 13.68 -11.28 -4.27
C THR B 127 14.89 -12.17 -4.36
N PRO B 128 15.61 -12.13 -5.51
CA PRO B 128 16.82 -12.95 -5.58
C PRO B 128 17.86 -12.64 -4.51
N LEU B 129 17.78 -11.44 -3.94
CA LEU B 129 18.68 -10.99 -2.89
C LEU B 129 18.11 -11.22 -1.49
N THR B 130 16.79 -11.42 -1.37
CA THR B 130 16.27 -11.72 -0.02
C THR B 130 16.07 -13.22 0.19
N THR B 131 16.04 -13.99 -0.90
CA THR B 131 15.74 -15.42 -0.80
C THR B 131 16.77 -16.24 0.05
N THR B 132 16.32 -17.23 0.77
CA THR B 132 17.22 -18.04 1.55
C THR B 132 17.38 -19.40 0.96
N SER B 133 16.33 -19.89 0.36
CA SER B 133 16.36 -21.14 -0.29
C SER B 133 16.97 -21.08 -1.67
N GLY B 134 16.82 -19.97 -2.34
CA GLY B 134 17.14 -19.89 -3.75
C GLY B 134 16.10 -20.44 -4.74
N ASN B 135 14.93 -20.87 -4.23
CA ASN B 135 13.88 -21.40 -5.09
C ASN B 135 12.99 -20.30 -5.69
N LEU B 136 12.86 -20.30 -7.02
CA LEU B 136 12.28 -19.17 -7.73
C LEU B 136 10.76 -19.17 -7.65
N HIS B 137 10.04 -20.37 -7.36
CA HIS B 137 8.58 -20.39 -7.12
C HIS B 137 8.26 -19.62 -5.84
N GLY B 138 9.23 -19.25 -5.12
CA GLY B 138 8.98 -18.36 -3.99
C GLY B 138 9.41 -16.92 -4.23
N GLN B 139 9.52 -16.51 -5.49
CA GLN B 139 10.01 -15.16 -5.85
C GLN B 139 9.16 -14.46 -6.91
N PRO B 140 8.15 -15.17 -7.46
CA PRO B 140 7.55 -14.62 -8.69
C PRO B 140 7.01 -13.19 -8.54
N VAL B 141 6.35 -12.89 -7.43
CA VAL B 141 5.72 -11.57 -7.29
C VAL B 141 6.74 -10.44 -7.32
N SER B 142 7.89 -10.64 -6.69
CA SER B 142 8.92 -9.61 -6.72
C SER B 142 9.33 -9.26 -8.15
N PHE B 143 9.36 -10.20 -9.08
CA PHE B 143 9.62 -9.85 -10.50
C PHE B 143 8.46 -9.08 -11.15
N LEU B 144 7.27 -9.25 -10.58
CA LEU B 144 6.09 -8.68 -11.21
C LEU B 144 5.86 -7.23 -10.78
N LEU B 145 6.21 -6.92 -9.54
CA LEU B 145 5.82 -5.64 -8.93
C LEU B 145 6.66 -4.45 -9.39
N LYS B 146 6.00 -3.36 -9.82
CA LYS B 146 6.71 -2.13 -10.21
C LYS B 146 7.57 -1.56 -9.09
N GLU B 147 7.07 -1.62 -7.86
CA GLU B 147 7.77 -0.95 -6.78
C GLU B 147 9.09 -1.59 -6.42
N LEU B 148 9.35 -2.80 -6.90
CA LEU B 148 10.58 -3.51 -6.50
C LEU B 148 11.65 -3.50 -7.61
N LYS B 149 11.36 -2.84 -8.72
CA LYS B 149 12.38 -2.71 -9.76
C LYS B 149 13.42 -1.79 -9.13
N GLY B 150 14.68 -2.10 -9.34
CA GLY B 150 15.74 -1.46 -8.58
C GLY B 150 16.21 -2.39 -7.47
N LYS B 151 15.31 -3.25 -7.00
CA LYS B 151 15.65 -4.25 -5.99
C LYS B 151 15.90 -5.64 -6.59
N ILE B 152 15.58 -5.80 -7.87
CA ILE B 152 15.79 -7.07 -8.56
C ILE B 152 17.06 -6.95 -9.41
N PRO B 153 18.07 -7.77 -9.15
CA PRO B 153 19.26 -7.64 -10.01
C PRO B 153 19.04 -8.35 -11.36
N ASP B 154 19.99 -8.19 -12.28
CA ASP B 154 19.84 -8.74 -13.63
C ASP B 154 20.07 -10.24 -13.59
N VAL B 155 19.02 -11.00 -13.34
CA VAL B 155 19.14 -12.45 -13.28
C VAL B 155 19.07 -13.04 -14.70
N PRO B 156 20.01 -13.93 -15.04
CA PRO B 156 20.03 -14.41 -16.44
C PRO B 156 18.80 -15.25 -16.72
N GLY B 157 18.16 -14.99 -17.86
CA GLY B 157 16.87 -15.59 -18.16
C GLY B 157 15.71 -14.61 -18.03
N PHE B 158 15.93 -13.52 -17.32
CA PHE B 158 14.83 -12.58 -17.06
C PHE B 158 14.97 -11.18 -17.67
N SER B 159 15.80 -11.04 -18.69
CA SER B 159 16.00 -9.73 -19.31
C SER B 159 14.68 -9.24 -19.89
N TRP B 160 13.90 -10.13 -20.49
CA TRP B 160 12.58 -9.81 -21.03
C TRP B 160 11.59 -9.20 -20.03
N VAL B 161 11.77 -9.45 -18.74
CA VAL B 161 10.72 -9.14 -17.77
C VAL B 161 10.59 -7.65 -17.50
N THR B 162 9.40 -7.10 -17.71
CA THR B 162 9.16 -5.75 -17.21
C THR B 162 8.06 -5.83 -16.16
N PRO B 163 8.28 -5.22 -14.99
CA PRO B 163 7.33 -5.10 -13.89
C PRO B 163 5.98 -4.67 -14.45
N CYS B 164 4.94 -5.48 -14.29
CA CYS B 164 3.65 -5.10 -14.91
C CYS B 164 2.49 -4.75 -13.94
N ILE B 165 2.70 -4.95 -12.64
CA ILE B 165 1.67 -4.91 -11.60
C ILE B 165 2.14 -3.93 -10.51
N SER B 166 1.36 -2.92 -10.14
CA SER B 166 1.74 -2.11 -8.97
C SER B 166 1.24 -2.77 -7.69
N ALA B 167 1.79 -2.34 -6.55
CA ALA B 167 1.47 -2.96 -5.26
C ALA B 167 -0.03 -2.90 -4.93
N LYS B 168 -0.67 -1.85 -5.45
CA LYS B 168 -2.05 -1.54 -5.15
C LYS B 168 -3.01 -2.49 -5.85
N ASP B 169 -2.52 -3.33 -6.75
CA ASP B 169 -3.40 -4.12 -7.64
C ASP B 169 -3.35 -5.63 -7.42
N ILE B 170 -2.84 -6.05 -6.27
CA ILE B 170 -2.81 -7.47 -5.90
C ILE B 170 -3.33 -7.70 -4.50
N VAL B 171 -4.06 -8.81 -4.31
CA VAL B 171 -4.54 -9.16 -2.98
C VAL B 171 -4.15 -10.57 -2.71
N TYR B 172 -3.57 -10.80 -1.54
CA TYR B 172 -3.31 -12.15 -1.07
C TYR B 172 -4.45 -12.67 -0.18
N ILE B 173 -4.76 -13.95 -0.33
CA ILE B 173 -5.66 -14.61 0.61
C ILE B 173 -5.04 -15.96 1.03
N GLY B 174 -4.99 -16.26 2.31
CA GLY B 174 -4.49 -17.52 2.78
C GLY B 174 -3.19 -17.56 3.56
N LEU B 175 -2.45 -16.46 3.52
CA LEU B 175 -1.07 -16.43 4.04
C LEU B 175 -0.81 -16.90 5.45
N ARG B 176 0.05 -17.89 5.60
CA ARG B 176 0.47 -18.32 6.94
C ARG B 176 1.92 -18.75 7.10
N ASP B 177 2.76 -18.52 6.11
CA ASP B 177 4.17 -18.94 6.20
C ASP B 177 4.98 -17.99 5.34
N VAL B 178 5.28 -16.82 5.89
CA VAL B 178 5.83 -15.69 5.18
C VAL B 178 7.20 -15.44 5.81
N ASP B 179 8.22 -15.28 4.99
CA ASP B 179 9.60 -15.10 5.45
C ASP B 179 9.75 -13.73 6.07
N PRO B 180 10.76 -13.53 6.94
CA PRO B 180 10.95 -12.19 7.52
C PRO B 180 11.14 -11.06 6.47
N GLY B 181 11.95 -11.32 5.45
CA GLY B 181 12.20 -10.34 4.36
C GLY B 181 10.93 -10.10 3.58
N GLU B 182 10.13 -11.16 3.43
CA GLU B 182 8.84 -11.03 2.73
C GLU B 182 7.83 -10.16 3.47
N HIS B 183 7.78 -10.33 4.80
CA HIS B 183 6.88 -9.55 5.63
C HIS B 183 7.27 -8.08 5.65
N TYR B 184 8.57 -7.79 5.67
CA TYR B 184 9.01 -6.38 5.54
C TYR B 184 8.57 -5.80 4.18
N ILE B 185 8.64 -6.58 3.12
CA ILE B 185 8.16 -6.10 1.80
C ILE B 185 6.64 -5.87 1.83
N LEU B 186 5.92 -6.90 2.27
CA LEU B 186 4.47 -6.79 2.36
C LEU B 186 4.06 -5.44 3.00
N LYS B 187 4.57 -5.22 4.21
CA LYS B 187 4.16 -4.10 5.06
C LYS B 187 4.70 -2.82 4.50
N THR B 188 5.93 -2.84 4.01
CA THR B 188 6.49 -1.64 3.47
C THR B 188 5.69 -1.14 2.29
N LEU B 189 5.38 -2.03 1.35
CA LEU B 189 4.77 -1.56 0.07
C LEU B 189 3.26 -1.38 0.20
N GLY B 190 2.69 -1.96 1.24
CA GLY B 190 1.26 -1.76 1.56
C GLY B 190 0.34 -2.64 0.77
N ILE B 191 0.81 -3.82 0.42
CA ILE B 191 0.05 -4.78 -0.36
C ILE B 191 -1.10 -5.29 0.50
N LYS B 192 -2.31 -5.36 -0.07
CA LYS B 192 -3.46 -5.81 0.70
C LYS B 192 -3.36 -7.32 0.83
N TYR B 193 -3.57 -7.81 2.07
CA TYR B 193 -3.56 -9.23 2.34
C TYR B 193 -4.57 -9.70 3.39
N PHE B 194 -5.09 -10.90 3.18
CA PHE B 194 -5.92 -11.53 4.18
C PHE B 194 -5.19 -12.79 4.56
N SER B 195 -4.39 -12.72 5.62
CA SER B 195 -3.67 -13.92 6.04
C SER B 195 -4.74 -14.78 6.72
N MET B 196 -4.40 -15.98 7.17
CA MET B 196 -5.36 -16.78 7.91
C MET B 196 -5.94 -16.08 9.13
N THR B 197 -5.11 -15.26 9.80
CA THR B 197 -5.57 -14.44 10.93
C THR B 197 -6.77 -13.56 10.53
N GLU B 198 -6.67 -12.86 9.41
CA GLU B 198 -7.79 -12.11 8.83
C GLU B 198 -8.98 -12.98 8.40
N VAL B 199 -8.70 -14.18 7.89
CA VAL B 199 -9.82 -15.05 7.45
C VAL B 199 -10.57 -15.50 8.69
N ASP B 200 -9.81 -15.78 9.73
CA ASP B 200 -10.37 -16.24 10.98
C ASP B 200 -11.23 -15.11 11.56
N ARG B 201 -10.72 -13.89 11.50
CA ARG B 201 -11.28 -12.73 12.09
CA ARG B 201 -11.28 -12.71 12.09
C ARG B 201 -12.60 -12.45 11.38
N LEU B 202 -12.55 -12.32 10.09
CA LEU B 202 -13.67 -11.80 9.29
C LEU B 202 -14.64 -12.87 8.77
N GLY B 203 -14.14 -14.07 8.55
CA GLY B 203 -14.87 -15.11 7.81
C GLY B 203 -14.60 -14.84 6.34
N ILE B 204 -14.50 -15.91 5.56
CA ILE B 204 -14.19 -15.88 4.12
C ILE B 204 -15.19 -15.03 3.35
N GLY B 205 -16.40 -14.86 3.91
CA GLY B 205 -17.47 -14.12 3.26
C GLY B 205 -17.11 -12.65 3.21
N LYS B 206 -16.77 -12.10 4.37
CA LYS B 206 -16.28 -10.74 4.47
C LYS B 206 -14.92 -10.56 3.79
N VAL B 207 -14.06 -11.59 3.81
CA VAL B 207 -12.79 -11.52 3.10
C VAL B 207 -12.99 -11.27 1.59
N MET B 208 -13.93 -11.99 0.98
CA MET B 208 -14.20 -11.82 -0.45
C MET B 208 -14.83 -10.47 -0.74
N GLU B 209 -15.71 -10.01 0.14
CA GLU B 209 -16.33 -8.70 -0.05
C GLU B 209 -15.31 -7.59 0.00
N GLU B 210 -14.34 -7.70 0.89
CA GLU B 210 -13.34 -6.66 0.99
C GLU B 210 -12.34 -6.79 -0.15
N THR B 211 -12.06 -8.03 -0.55
CA THR B 211 -11.10 -8.29 -1.62
C THR B 211 -11.63 -7.70 -2.92
N LEU B 212 -12.91 -7.95 -3.21
CA LEU B 212 -13.44 -7.54 -4.50
C LEU B 212 -13.73 -6.06 -4.55
N SER B 213 -14.30 -5.53 -3.47
CA SER B 213 -14.48 -4.09 -3.34
C SER B 213 -13.14 -3.33 -3.43
N TYR B 214 -12.06 -3.95 -2.95
CA TYR B 214 -10.76 -3.29 -3.02
C TYR B 214 -10.14 -3.22 -4.42
N LEU B 215 -10.26 -4.30 -5.18
CA LEU B 215 -9.79 -4.34 -6.52
C LEU B 215 -10.78 -3.70 -7.51
N LEU B 216 -12.08 -3.76 -7.23
CA LEU B 216 -13.10 -3.43 -8.23
C LEU B 216 -13.92 -2.16 -8.02
N GLY B 217 -13.86 -1.62 -6.81
CA GLY B 217 -14.65 -0.43 -6.47
C GLY B 217 -14.47 0.76 -7.39
N ARG B 218 -13.24 1.27 -7.48
CA ARG B 218 -12.95 2.44 -8.35
C ARG B 218 -13.15 2.16 -9.86
N LYS B 219 -12.86 0.94 -10.29
CA LYS B 219 -13.01 0.56 -11.69
C LYS B 219 -13.18 -0.95 -11.84
N LYS B 220 -13.97 -1.29 -12.81
CA LYS B 220 -14.09 -2.61 -13.33
C LYS B 220 -12.93 -2.84 -14.31
N ARG B 221 -12.14 -3.82 -14.05
CA ARG B 221 -11.01 -4.33 -14.82
C ARG B 221 -10.80 -5.83 -14.72
N PRO B 222 -10.06 -6.43 -15.64
CA PRO B 222 -9.80 -7.87 -15.56
C PRO B 222 -9.44 -8.35 -14.16
N ILE B 223 -9.74 -9.63 -13.91
CA ILE B 223 -9.19 -10.39 -12.81
C ILE B 223 -8.14 -11.38 -13.32
N HIS B 224 -7.09 -11.54 -12.52
CA HIS B 224 -6.19 -12.68 -12.64
C HIS B 224 -6.18 -13.45 -11.34
N LEU B 225 -6.64 -14.70 -11.35
CA LEU B 225 -6.58 -15.51 -10.13
C LEU B 225 -5.38 -16.44 -10.25
N SER B 226 -4.39 -16.29 -9.39
CA SER B 226 -3.29 -17.23 -9.41
C SER B 226 -3.44 -18.12 -8.18
N PHE B 227 -3.86 -19.36 -8.38
CA PHE B 227 -4.18 -20.25 -7.28
C PHE B 227 -3.10 -21.29 -6.98
N ASP B 228 -2.33 -21.12 -5.90
CA ASP B 228 -1.51 -22.17 -5.31
C ASP B 228 -2.37 -23.08 -4.41
N VAL B 229 -2.44 -24.38 -4.73
CA VAL B 229 -3.22 -25.35 -3.96
C VAL B 229 -2.70 -25.51 -2.52
N ASP B 230 -1.48 -25.06 -2.22
CA ASP B 230 -1.04 -25.05 -0.78
C ASP B 230 -1.70 -23.95 0.04
N GLY B 231 -2.50 -23.12 -0.63
CA GLY B 231 -3.33 -22.14 0.04
C GLY B 231 -4.36 -22.85 0.91
N LEU B 232 -4.83 -23.97 0.42
CA LEU B 232 -5.78 -24.82 1.13
C LEU B 232 -5.05 -25.77 2.08
N ASP B 233 -5.72 -26.11 3.18
CA ASP B 233 -5.15 -27.02 4.17
C ASP B 233 -4.73 -28.38 3.55
N PRO B 234 -3.58 -28.89 3.98
CA PRO B 234 -3.02 -30.15 3.55
C PRO B 234 -3.98 -31.32 3.84
N SER B 235 -5.02 -31.11 4.63
CA SER B 235 -6.05 -32.16 4.71
C SER B 235 -6.88 -32.24 3.43
N PHE B 236 -6.89 -31.16 2.62
CA PHE B 236 -7.63 -31.17 1.34
C PHE B 236 -6.70 -31.28 0.10
N THR B 237 -5.48 -30.78 0.22
CA THR B 237 -4.54 -30.79 -0.90
C THR B 237 -3.17 -31.21 -0.40
N PRO B 238 -3.05 -32.46 0.09
CA PRO B 238 -1.77 -32.96 0.61
C PRO B 238 -0.70 -33.09 -0.43
N ALA B 239 -1.05 -33.44 -1.68
CA ALA B 239 -0.03 -33.71 -2.66
C ALA B 239 0.55 -32.44 -3.26
N THR B 240 1.41 -31.77 -2.51
CA THR B 240 1.94 -30.46 -2.86
C THR B 240 3.25 -30.29 -2.13
N GLY B 241 4.09 -29.42 -2.70
CA GLY B 241 5.50 -29.33 -2.35
C GLY B 241 5.77 -28.68 -1.01
N THR B 242 4.95 -27.70 -0.68
CA THR B 242 5.18 -26.89 0.52
C THR B 242 3.88 -26.73 1.39
N PRO B 243 3.39 -27.85 1.97
CA PRO B 243 2.14 -27.80 2.74
C PRO B 243 2.29 -27.11 4.07
N VAL B 244 1.29 -26.31 4.49
CA VAL B 244 1.37 -25.63 5.80
C VAL B 244 0.04 -25.85 6.51
N VAL B 245 0.07 -26.30 7.75
CA VAL B 245 -1.14 -26.56 8.54
C VAL B 245 -1.89 -25.27 8.80
N GLY B 246 -3.19 -25.40 9.14
CA GLY B 246 -4.02 -24.25 9.46
C GLY B 246 -4.47 -23.50 8.22
N GLY B 247 -4.63 -24.24 7.12
CA GLY B 247 -5.05 -23.70 5.81
C GLY B 247 -6.52 -23.50 5.55
N LEU B 248 -6.86 -22.91 4.39
CA LEU B 248 -8.25 -22.69 4.03
C LEU B 248 -8.93 -24.03 3.85
N THR B 249 -10.22 -24.07 4.17
CA THR B 249 -10.97 -25.31 4.05
C THR B 249 -11.32 -25.59 2.59
N TYR B 250 -11.85 -26.81 2.32
CA TYR B 250 -12.43 -27.09 0.98
C TYR B 250 -13.51 -26.04 0.69
N ARG B 251 -14.40 -25.83 1.67
CA ARG B 251 -15.50 -24.87 1.53
C ARG B 251 -15.04 -23.46 1.23
N GLU B 252 -13.97 -23.00 1.89
CA GLU B 252 -13.47 -21.66 1.67
C GLU B 252 -12.88 -21.49 0.24
N GLY B 253 -12.20 -22.53 -0.24
CA GLY B 253 -11.58 -22.53 -1.56
C GLY B 253 -12.67 -22.44 -2.61
N LEU B 254 -13.80 -23.11 -2.36
CA LEU B 254 -14.93 -23.07 -3.32
C LEU B 254 -15.60 -21.72 -3.28
N TYR B 255 -15.71 -21.15 -2.10
CA TYR B 255 -16.33 -19.82 -1.95
C TYR B 255 -15.53 -18.71 -2.65
N ILE B 256 -14.22 -18.76 -2.50
CA ILE B 256 -13.37 -17.73 -3.11
C ILE B 256 -13.62 -17.76 -4.61
N THR B 257 -13.64 -18.95 -5.18
CA THR B 257 -13.75 -19.07 -6.65
C THR B 257 -15.19 -18.89 -7.17
N GLU B 258 -16.19 -19.28 -6.39
CA GLU B 258 -17.57 -18.91 -6.70
C GLU B 258 -17.76 -17.38 -6.69
N GLU B 259 -17.18 -16.67 -5.73
CA GLU B 259 -17.29 -15.19 -5.75
C GLU B 259 -16.56 -14.55 -6.90
N ILE B 260 -15.40 -15.08 -7.25
CA ILE B 260 -14.70 -14.58 -8.40
C ILE B 260 -15.45 -14.79 -9.71
N TYR B 261 -16.02 -15.97 -9.89
CA TYR B 261 -16.80 -16.25 -11.06
C TYR B 261 -17.92 -15.24 -11.24
N LYS B 262 -18.57 -14.83 -10.14
CA LYS B 262 -19.77 -13.99 -10.24
C LYS B 262 -19.48 -12.53 -10.59
N THR B 263 -18.22 -12.12 -10.51
CA THR B 263 -17.86 -10.79 -10.97
C THR B 263 -18.03 -10.73 -12.49
N GLY B 264 -17.94 -11.88 -13.15
CA GLY B 264 -17.97 -11.96 -14.61
C GLY B 264 -16.72 -11.30 -15.22
N LEU B 265 -15.64 -11.22 -14.44
CA LEU B 265 -14.45 -10.47 -14.83
C LEU B 265 -13.18 -11.34 -14.79
N LEU B 266 -13.32 -12.61 -14.39
CA LEU B 266 -12.15 -13.52 -14.40
C LEU B 266 -11.55 -13.50 -15.81
N SER B 267 -10.25 -13.25 -15.93
CA SER B 267 -9.67 -13.06 -17.27
C SER B 267 -8.47 -13.98 -17.49
N GLY B 268 -7.78 -14.33 -16.41
CA GLY B 268 -6.74 -15.37 -16.43
C GLY B 268 -6.76 -16.20 -15.15
N LEU B 269 -6.43 -17.48 -15.25
CA LEU B 269 -6.37 -18.39 -14.08
C LEU B 269 -5.15 -19.30 -14.10
N ASP B 270 -4.44 -19.36 -12.96
CA ASP B 270 -3.40 -20.36 -12.74
C ASP B 270 -3.88 -21.32 -11.64
N ILE B 271 -3.79 -22.63 -11.92
CA ILE B 271 -3.88 -23.70 -10.93
C ILE B 271 -2.50 -24.37 -10.83
N MET B 272 -1.82 -24.15 -9.70
CA MET B 272 -0.39 -24.42 -9.56
C MET B 272 -0.03 -25.26 -8.33
N GLU B 273 1.12 -25.90 -8.43
CA GLU B 273 1.82 -26.61 -7.36
C GLU B 273 1.24 -27.98 -6.97
N VAL B 274 0.35 -28.52 -7.80
CA VAL B 274 -0.07 -29.91 -7.67
C VAL B 274 1.05 -30.83 -8.12
N ASN B 275 1.52 -31.63 -7.18
CA ASN B 275 2.60 -32.57 -7.40
C ASN B 275 2.10 -33.95 -6.93
N PRO B 276 1.54 -34.75 -7.87
CA PRO B 276 0.98 -36.05 -7.50
C PRO B 276 2.05 -36.94 -6.85
N SER B 277 3.29 -36.87 -7.32
CA SER B 277 4.34 -37.72 -6.74
C SER B 277 4.59 -37.54 -5.24
N LEU B 278 3.93 -36.57 -4.63
CA LEU B 278 4.09 -36.28 -3.21
C LEU B 278 2.88 -36.75 -2.38
N GLY B 279 1.90 -37.38 -3.01
CA GLY B 279 0.81 -37.92 -2.21
C GLY B 279 1.41 -39.08 -1.44
N LYS B 280 1.09 -39.24 -0.16
CA LYS B 280 1.70 -40.34 0.57
C LYS B 280 0.95 -41.65 0.21
N THR B 281 -0.25 -41.50 -0.34
CA THR B 281 -1.08 -42.62 -0.74
C THR B 281 -1.74 -42.24 -2.07
N PRO B 282 -2.33 -43.22 -2.78
CA PRO B 282 -2.94 -42.88 -4.08
C PRO B 282 -4.19 -42.05 -3.87
N GLU B 283 -4.86 -42.29 -2.75
CA GLU B 283 -5.96 -41.44 -2.37
C GLU B 283 -5.55 -40.00 -2.03
N GLU B 284 -4.32 -39.74 -1.56
CA GLU B 284 -3.93 -38.34 -1.37
C GLU B 284 -3.84 -37.63 -2.72
N VAL B 285 -3.41 -38.36 -3.74
CA VAL B 285 -3.32 -37.77 -5.07
C VAL B 285 -4.70 -37.38 -5.53
N THR B 286 -5.60 -38.35 -5.50
CA THR B 286 -6.97 -38.22 -5.95
C THR B 286 -7.67 -37.07 -5.24
N ARG B 287 -7.48 -37.01 -3.93
CA ARG B 287 -8.04 -35.94 -3.12
C ARG B 287 -7.57 -34.58 -3.63
N THR B 288 -6.26 -34.43 -3.81
CA THR B 288 -5.71 -33.14 -4.21
C THR B 288 -6.15 -32.76 -5.62
N VAL B 289 -6.08 -33.72 -6.54
CA VAL B 289 -6.44 -33.51 -7.95
C VAL B 289 -7.93 -33.14 -8.05
N ASN B 290 -8.79 -33.82 -7.30
CA ASN B 290 -10.23 -33.58 -7.33
C ASN B 290 -10.57 -32.23 -6.74
N THR B 291 -9.91 -31.85 -5.65
CA THR B 291 -10.09 -30.53 -5.09
C THR B 291 -9.70 -29.49 -6.13
N ALA B 292 -8.57 -29.71 -6.79
CA ALA B 292 -8.11 -28.78 -7.79
C ALA B 292 -9.11 -28.65 -8.96
N VAL B 293 -9.72 -29.74 -9.37
CA VAL B 293 -10.72 -29.66 -10.47
C VAL B 293 -11.93 -28.88 -9.94
N ALA B 294 -12.36 -29.22 -8.75
CA ALA B 294 -13.59 -28.63 -8.24
C ALA B 294 -13.36 -27.12 -8.13
N ILE B 295 -12.17 -26.70 -7.67
CA ILE B 295 -11.82 -25.29 -7.58
C ILE B 295 -11.78 -24.62 -8.96
N THR B 296 -11.24 -25.34 -9.95
CA THR B 296 -11.19 -24.80 -11.31
C THR B 296 -12.61 -24.61 -11.83
N LEU B 297 -13.47 -25.61 -11.64
CA LEU B 297 -14.86 -25.64 -12.12
C LEU B 297 -15.72 -24.51 -11.54
N ALA B 298 -15.52 -24.18 -10.28
CA ALA B 298 -16.20 -23.06 -9.65
C ALA B 298 -15.83 -21.77 -10.34
N CYS B 299 -14.57 -21.67 -10.76
CA CYS B 299 -14.13 -20.44 -11.37
C CYS B 299 -14.93 -20.18 -12.63
N PHE B 300 -15.42 -21.26 -13.23
CA PHE B 300 -16.12 -21.13 -14.48
C PHE B 300 -17.63 -21.38 -14.35
N GLY B 301 -18.16 -21.18 -13.15
CA GLY B 301 -19.60 -21.13 -12.91
C GLY B 301 -20.29 -22.29 -12.22
N LEU B 302 -19.57 -23.37 -11.91
CA LEU B 302 -20.26 -24.48 -11.23
C LEU B 302 -20.52 -23.94 -9.84
N ALA B 303 -21.80 -23.94 -9.45
CA ALA B 303 -22.26 -23.33 -8.20
C ALA B 303 -22.90 -24.40 -7.31
N ARG B 304 -22.67 -24.28 -6.01
CA ARG B 304 -23.17 -25.22 -5.07
C ARG B 304 -24.66 -25.12 -4.88
N GLU B 305 -25.24 -23.95 -5.17
CA GLU B 305 -26.68 -23.79 -5.07
C GLU B 305 -27.34 -24.52 -6.26
N GLY B 306 -26.52 -24.80 -7.28
CA GLY B 306 -26.94 -25.56 -8.45
C GLY B 306 -26.85 -24.71 -9.72
N ASN B 307 -27.02 -25.38 -10.85
CA ASN B 307 -26.97 -24.70 -12.16
C ASN B 307 -28.09 -25.23 -13.04
N HIS B 308 -28.56 -24.39 -13.96
CA HIS B 308 -29.51 -24.80 -14.98
C HIS B 308 -29.31 -24.08 -16.30
N LYS B 309 -29.53 -24.79 -17.41
CA LYS B 309 -29.42 -24.23 -18.75
C LYS B 309 -30.67 -23.42 -19.04
N PRO B 310 -30.59 -22.53 -19.98
CA PRO B 310 -31.73 -21.74 -20.39
C PRO B 310 -32.72 -22.66 -21.01
N ILE B 311 -33.59 -23.25 -20.22
CA ILE B 311 -34.66 -24.09 -20.75
C ILE B 311 -35.84 -24.11 -19.78
N ASP B 312 -36.96 -24.66 -20.24
CA ASP B 312 -38.11 -24.90 -19.35
C ASP B 312 -38.15 -26.35 -18.87
N TYR B 313 -37.65 -26.57 -17.66
CA TYR B 313 -37.53 -27.89 -17.05
C TYR B 313 -38.83 -28.56 -16.62
N LEU B 314 -39.95 -27.86 -16.76
CA LEU B 314 -41.23 -28.33 -16.22
C LEU B 314 -42.29 -28.61 -17.29
O3 1EC C . -6.63 11.43 -1.41
C1 1EC C . -5.57 10.88 -1.83
O2 1EC C . -5.27 9.72 -1.47
C5 1EC C . -4.63 11.66 -2.78
N16 1EC C . -5.26 12.95 -3.01
C15 1EC C . -4.44 10.97 -4.12
C19 1EC C . -5.75 10.81 -4.87
C20 1EC C . -5.60 9.96 -6.13
O21 1EC C . -6.84 10.01 -6.87
C6 1EC C . -3.24 11.81 -2.16
C7 1EC C . -3.28 12.23 -0.68
C8 1EC C . -1.89 12.45 -0.06
C9 1EC C . -1.99 12.67 1.47
B10 1EC C . -0.86 13.59 2.12
O23 1EC C . 0.42 12.85 1.80
O13 1EC C . -0.57 14.95 1.59
O11 1EC C . -0.71 13.64 3.62
MN MN D . 1.35 15.43 0.77
MN MN E . -0.21 15.83 3.65
O3 1EC F . 11.34 -18.68 -0.36
C1 1EC F . 10.90 -19.88 -0.28
O2 1EC F . 11.36 -20.79 -1.01
C5 1EC F . 9.88 -20.29 0.76
N16 1EC F . 9.36 -19.08 1.41
C15 1EC F . 10.56 -21.16 1.83
C19 1EC F . 11.83 -20.53 2.38
C20 1EC F . 12.24 -21.24 3.66
O21 1EC F . 13.25 -20.43 4.26
C6 1EC F . 8.72 -21.12 0.21
C7 1EC F . 8.01 -20.51 -0.99
C8 1EC F . 6.97 -21.47 -1.54
C9 1EC F . 6.72 -21.14 -3.00
B10 1EC F . 5.21 -21.34 -3.41
O23 1EC F . 4.87 -22.82 -3.10
O13 1EC F . 4.25 -20.56 -2.61
O11 1EC F . 4.83 -21.35 -4.87
MN MN G . 2.64 -21.72 -1.55
MN MN H . 2.96 -20.08 -4.52
#